data_4FLY
#
_entry.id   4FLY
#
_cell.length_a   69.100
_cell.length_b   114.340
_cell.length_c   128.580
_cell.angle_alpha   90.00
_cell.angle_beta   90.00
_cell.angle_gamma   90.00
#
_symmetry.space_group_name_H-M   'P 21 21 21'
#
loop_
_entity.id
_entity.type
_entity.pdbx_description
1 polymer 'Template strand'
2 polymer 'Primer strand'
3 polymer 'DNA polymerase 1'
4 non-polymer 'MAGNESIUM ION'
5 non-polymer '2-(N-MORPHOLINO)-ETHANESULFONIC ACID'
6 water water
#
loop_
_entity_poly.entity_id
_entity_poly.type
_entity_poly.pdbx_seq_one_letter_code
_entity_poly.pdbx_strand_id
1 'polydeoxyribonucleotide' (DG)(DU)(DG)(DT)(DA)(DC)(DG)(DT)(DG)(DA)(DT)(DC)(DG) T
2 'polydeoxyribonucleotide' (DC)(DG)(DA)(DT)(DC)(DA)(DC)(DG) P
3 'polypeptide(L)'
;MGSSHHHHHHSSGLVPAGSHAGMIIDADYITEDGKPIIRIFKKEKGEFKVEYDRTFRPYIYALLKDDSAIDEVKKITAER
HGKIVRITEVEKVQKKFLGRPIEVWKLYLEHPQDVPAIREKIREHPAVVDIFEYDIPFAKRYLIDKGLTPMEGNEELTFL
AVDIETLYHEGEEFGKGPIIMISYADEEGAKVITWKSIDLPYVEVVSSEREMIKRLVKVIREKDPDVIITYNGDNFAFPY
LLKRAEKLGIKLPLGRDNSEPKMQRMGDSLAVEIKGRIHFDLFPVIRRTINLPTYTLEAVYEAIFGKSKEKVYAHEIAEA
WETGKGLERVAKYSMEDAKVTFELGKEFFPMEAQLARLVGQPVWDVSRSSTGNLVEWFLLRKAYERNELAPNKPDEREYE
RRLRESYEGGYVKEPEKGLWEGIVSLDFRSLYPSIIITHNVSPDTLNRENCKEYDVAPQVGHRFCKDFPGFIPSLLGNLL
EERQKIKKRMKESKDPVEKKLLDYRQRAIKILANSYYGYYGYAKARWYCKECAESVTAWGRQYIDLVRRELESRGFKVLY
IDTDGLYATIPGAKHEEIKEKALKFVEYINSKLPGLLELEYEGFYARGFFVTKKKYALIDEEGKIVTRGLEIVRRDWSEI
AKETQAKVLEAILKHGNVDEAVKIVKEVTEKLSKYEIPPEKLVIYEQITRPLSEYKAIGPHVAVAKRLAAKGVKVKPGMV
IGYIVLRGDGPISKRAIAIEEFDPKKHKYDAEYYIENQVLPAVERILRAFGYRKEDLKYQKTKQVGLGAWLKF
;
A
#
loop_
_chem_comp.id
_chem_comp.type
_chem_comp.name
_chem_comp.formula
DA DNA linking 2'-DEOXYADENOSINE-5'-MONOPHOSPHATE 'C10 H14 N5 O6 P'
DC DNA linking 2'-DEOXYCYTIDINE-5'-MONOPHOSPHATE 'C9 H14 N3 O7 P'
DG DNA linking 2'-DEOXYGUANOSINE-5'-MONOPHOSPHATE 'C10 H14 N5 O7 P'
DT DNA linking THYMIDINE-5'-MONOPHOSPHATE 'C10 H15 N2 O8 P'
DU DNA linking 2'-DEOXYURIDINE-5'-MONOPHOSPHATE 'C9 H13 N2 O8 P'
MES non-polymer '2-(N-MORPHOLINO)-ETHANESULFONIC ACID' 'C6 H13 N O4 S'
MG non-polymer 'MAGNESIUM ION' 'Mg 2'
#
# COMPACT_ATOMS: atom_id res chain seq x y z
N ALA C 21 -14.59 19.75 22.44
CA ALA C 21 -14.89 19.79 21.01
C ALA C 21 -13.60 19.87 20.15
N GLY C 22 -12.60 19.08 20.54
CA GLY C 22 -11.30 19.01 19.89
C GLY C 22 -11.24 18.23 18.59
N MET C 23 -10.07 17.64 18.29
CA MET C 23 -9.82 16.82 17.11
C MET C 23 -9.42 15.41 17.51
N ILE C 24 -10.19 14.38 17.05
CA ILE C 24 -9.90 12.98 17.36
C ILE C 24 -8.71 12.53 16.49
N ILE C 25 -7.65 11.96 17.11
CA ILE C 25 -6.46 11.53 16.37
C ILE C 25 -6.35 9.99 16.31
N ASP C 26 -6.98 9.29 17.28
CA ASP C 26 -6.99 7.82 17.40
C ASP C 26 -7.99 7.39 18.46
N ALA C 27 -8.28 6.08 18.48
CA ALA C 27 -9.17 5.42 19.42
C ALA C 27 -8.69 3.99 19.60
N ASP C 28 -8.82 3.47 20.82
CA ASP C 28 -8.46 2.10 21.13
C ASP C 28 -9.26 1.69 22.34
N TYR C 29 -8.99 0.51 22.90
CA TYR C 29 -9.56 0.06 24.15
C TYR C 29 -8.50 -0.64 25.03
N ILE C 30 -8.68 -0.49 26.33
CA ILE C 30 -7.93 -1.15 27.41
C ILE C 30 -8.94 -1.97 28.27
N THR C 31 -8.45 -2.95 29.02
CA THR C 31 -9.29 -3.79 29.86
C THR C 31 -8.97 -3.44 31.31
N GLU C 32 -10.02 -3.31 32.12
CA GLU C 32 -9.92 -2.98 33.55
C GLU C 32 -10.96 -3.79 34.30
N ASP C 33 -10.51 -4.63 35.24
CA ASP C 33 -11.34 -5.56 36.03
C ASP C 33 -12.14 -6.48 35.08
N GLY C 34 -11.48 -6.89 34.00
CA GLY C 34 -12.02 -7.74 32.95
C GLY C 34 -12.95 -7.03 31.98
N LYS C 35 -13.22 -5.73 32.18
CA LYS C 35 -14.17 -4.98 31.35
C LYS C 35 -13.48 -3.99 30.37
N PRO C 36 -14.00 -3.84 29.15
CA PRO C 36 -13.35 -2.92 28.20
C PRO C 36 -13.68 -1.46 28.45
N ILE C 37 -12.69 -0.59 28.24
CA ILE C 37 -12.81 0.85 28.35
C ILE C 37 -12.28 1.43 27.06
N ILE C 38 -13.13 2.16 26.34
CA ILE C 38 -12.75 2.80 25.09
C ILE C 38 -11.93 4.04 25.42
N ARG C 39 -10.82 4.27 24.69
CA ARG C 39 -10.00 5.47 24.86
C ARG C 39 -10.05 6.27 23.58
N ILE C 40 -10.42 7.55 23.68
CA ILE C 40 -10.44 8.45 22.52
C ILE C 40 -9.35 9.47 22.74
N PHE C 41 -8.33 9.45 21.88
CA PHE C 41 -7.19 10.38 21.97
C PHE C 41 -7.48 11.64 21.16
N LYS C 42 -7.42 12.78 21.85
CA LYS C 42 -7.77 14.06 21.27
C LYS C 42 -6.69 15.14 21.39
N LYS C 43 -6.79 16.15 20.49
CA LYS C 43 -5.97 17.35 20.52
C LYS C 43 -6.97 18.50 20.64
N GLU C 44 -6.89 19.22 21.77
CA GLU C 44 -7.84 20.25 22.14
C GLU C 44 -7.09 21.52 22.51
N LYS C 45 -7.14 22.53 21.61
CA LYS C 45 -6.52 23.85 21.75
C LYS C 45 -5.07 23.68 22.23
N GLY C 46 -4.31 22.94 21.43
CA GLY C 46 -2.91 22.64 21.65
C GLY C 46 -2.60 21.58 22.68
N GLU C 47 -3.60 21.02 23.38
CA GLU C 47 -3.36 20.06 24.46
C GLU C 47 -3.86 18.65 24.18
N PHE C 48 -3.09 17.67 24.66
CA PHE C 48 -3.43 16.24 24.59
C PHE C 48 -4.51 15.94 25.63
N LYS C 49 -5.62 15.37 25.20
CA LYS C 49 -6.73 14.99 26.07
C LYS C 49 -7.14 13.55 25.78
N VAL C 50 -7.45 12.77 26.83
CA VAL C 50 -7.89 11.39 26.66
C VAL C 50 -9.28 11.22 27.31
N GLU C 51 -10.27 10.90 26.48
CA GLU C 51 -11.63 10.66 26.94
C GLU C 51 -11.85 9.15 27.12
N TYR C 52 -12.58 8.76 28.18
CA TYR C 52 -12.84 7.36 28.49
C TYR C 52 -14.31 7.03 28.38
N ASP C 53 -14.65 5.87 27.78
CA ASP C 53 -16.03 5.41 27.72
C ASP C 53 -16.08 3.95 28.14
N ARG C 54 -16.87 3.66 29.17
CA ARG C 54 -17.01 2.31 29.74
C ARG C 54 -18.34 1.69 29.35
N THR C 55 -19.24 2.49 28.77
CA THR C 55 -20.62 2.09 28.50
C THR C 55 -20.87 1.43 27.13
N PHE C 56 -19.96 1.58 26.14
CA PHE C 56 -20.20 1.00 24.83
C PHE C 56 -20.00 -0.51 24.85
N ARG C 57 -21.00 -1.24 24.34
CA ARG C 57 -20.98 -2.69 24.37
C ARG C 57 -20.72 -3.35 23.01
N PRO C 58 -19.91 -4.43 23.03
CA PRO C 58 -19.69 -5.22 21.81
C PRO C 58 -20.94 -6.00 21.47
N TYR C 59 -21.08 -6.35 20.17
CA TYR C 59 -22.23 -7.10 19.69
C TYR C 59 -21.98 -7.69 18.32
N ILE C 60 -22.84 -8.61 17.93
CA ILE C 60 -22.92 -9.22 16.63
C ILE C 60 -24.42 -9.33 16.34
N TYR C 61 -24.79 -9.71 15.11
CA TYR C 61 -26.19 -9.97 14.76
C TYR C 61 -26.36 -11.40 14.37
N ALA C 62 -27.56 -11.97 14.66
CA ALA C 62 -27.92 -13.31 14.26
C ALA C 62 -29.29 -13.31 13.59
N LEU C 63 -29.37 -13.89 12.37
CA LEU C 63 -30.62 -14.05 11.62
C LEU C 63 -31.13 -15.43 11.95
N LEU C 64 -32.32 -15.51 12.56
CA LEU C 64 -32.87 -16.77 13.02
C LEU C 64 -33.96 -17.27 12.08
N LYS C 65 -34.20 -18.61 12.09
CA LYS C 65 -35.25 -19.22 11.25
C LYS C 65 -36.63 -18.80 11.75
N ASP C 66 -36.76 -18.58 13.07
CA ASP C 66 -37.99 -18.17 13.77
C ASP C 66 -37.65 -17.43 15.08
N ASP C 67 -38.51 -16.47 15.50
CA ASP C 67 -38.33 -15.71 16.76
C ASP C 67 -38.24 -16.61 18.00
N SER C 68 -38.96 -17.75 18.00
CA SER C 68 -38.97 -18.73 19.09
C SER C 68 -37.55 -19.23 19.46
N ALA C 69 -36.67 -19.36 18.46
CA ALA C 69 -35.29 -19.85 18.58
C ALA C 69 -34.40 -19.02 19.53
N ILE C 70 -34.72 -17.72 19.73
CA ILE C 70 -33.95 -16.80 20.57
C ILE C 70 -33.75 -17.35 21.99
N ASP C 71 -34.73 -18.09 22.52
CA ASP C 71 -34.69 -18.68 23.87
C ASP C 71 -33.53 -19.69 24.04
N GLU C 72 -33.24 -20.49 22.98
CA GLU C 72 -32.14 -21.47 22.93
C GLU C 72 -30.83 -20.75 22.57
N VAL C 73 -30.88 -19.81 21.60
CA VAL C 73 -29.75 -19.05 21.10
C VAL C 73 -29.12 -18.13 22.19
N LYS C 74 -29.93 -17.41 22.98
CA LYS C 74 -29.43 -16.47 24.02
C LYS C 74 -28.63 -17.22 25.13
N LYS C 75 -28.88 -18.53 25.28
CA LYS C 75 -28.25 -19.39 26.28
C LYS C 75 -26.96 -20.08 25.77
N ILE C 76 -26.42 -19.65 24.59
CA ILE C 76 -25.17 -20.20 24.03
C ILE C 76 -24.02 -19.63 24.88
N THR C 77 -23.02 -20.49 25.15
CA THR C 77 -21.90 -20.21 26.04
C THR C 77 -20.55 -20.49 25.34
N ALA C 78 -19.48 -19.86 25.83
CA ALA C 78 -18.12 -20.05 25.35
C ALA C 78 -17.16 -19.95 26.54
N GLU C 79 -15.85 -20.07 26.30
CA GLU C 79 -14.82 -19.93 27.32
C GLU C 79 -13.71 -19.04 26.80
N ARG C 80 -13.17 -18.21 27.67
CA ARG C 80 -12.05 -17.30 27.41
C ARG C 80 -11.45 -16.90 28.72
N HIS C 81 -10.10 -16.93 28.78
CA HIS C 81 -9.29 -16.47 29.92
C HIS C 81 -9.77 -17.11 31.24
N GLY C 82 -9.89 -18.44 31.26
CA GLY C 82 -10.36 -19.20 32.41
C GLY C 82 -11.82 -19.08 32.79
N LYS C 83 -12.53 -18.07 32.24
CA LYS C 83 -13.93 -17.79 32.54
C LYS C 83 -14.87 -18.11 31.37
N ILE C 84 -16.12 -18.45 31.68
CA ILE C 84 -17.10 -18.73 30.64
C ILE C 84 -17.66 -17.40 30.11
N VAL C 85 -18.06 -17.38 28.84
CA VAL C 85 -18.56 -16.18 28.18
C VAL C 85 -20.05 -16.41 27.85
N ARG C 86 -20.86 -15.37 28.04
CA ARG C 86 -22.29 -15.42 27.76
C ARG C 86 -22.73 -14.24 26.92
N ILE C 87 -23.89 -14.39 26.27
CA ILE C 87 -24.58 -13.30 25.59
C ILE C 87 -25.22 -12.48 26.73
N THR C 88 -24.82 -11.23 26.84
CA THR C 88 -25.19 -10.33 27.92
C THR C 88 -26.67 -9.90 27.84
N GLU C 89 -27.12 -9.48 26.66
CA GLU C 89 -28.47 -9.04 26.37
C GLU C 89 -28.75 -9.34 24.92
N VAL C 90 -30.03 -9.55 24.57
CA VAL C 90 -30.47 -9.80 23.19
C VAL C 90 -31.55 -8.75 22.85
N GLU C 91 -31.49 -8.24 21.62
CA GLU C 91 -32.41 -7.20 21.15
C GLU C 91 -32.87 -7.50 19.73
N LYS C 92 -34.19 -7.54 19.52
CA LYS C 92 -34.73 -7.73 18.17
C LYS C 92 -34.68 -6.38 17.46
N VAL C 93 -34.07 -6.34 16.27
CA VAL C 93 -33.94 -5.10 15.52
C VAL C 93 -34.41 -5.30 14.07
N GLN C 94 -34.90 -4.22 13.47
CA GLN C 94 -35.34 -4.20 12.09
C GLN C 94 -34.33 -3.43 11.26
N LYS C 95 -33.79 -4.07 10.22
CA LYS C 95 -32.77 -3.47 9.38
C LYS C 95 -33.07 -3.73 7.90
N LYS C 96 -32.15 -3.27 7.03
CA LYS C 96 -32.19 -3.45 5.59
C LYS C 96 -31.04 -4.37 5.19
N PHE C 97 -31.33 -5.40 4.39
CA PHE C 97 -30.31 -6.32 3.87
C PHE C 97 -30.63 -6.65 2.44
N LEU C 98 -29.65 -6.44 1.53
CA LEU C 98 -29.85 -6.69 0.09
C LEU C 98 -31.00 -5.83 -0.42
N GLY C 99 -31.10 -4.58 0.04
CA GLY C 99 -32.20 -3.70 -0.33
C GLY C 99 -33.59 -4.20 0.07
N ARG C 100 -33.68 -4.94 1.21
CA ARG C 100 -34.92 -5.53 1.71
C ARG C 100 -35.04 -5.47 3.24
N PRO C 101 -36.23 -5.22 3.82
CA PRO C 101 -36.37 -5.23 5.29
C PRO C 101 -36.03 -6.60 5.86
N ILE C 102 -35.37 -6.63 7.03
CA ILE C 102 -34.95 -7.86 7.66
C ILE C 102 -35.03 -7.71 9.17
N GLU C 103 -35.35 -8.79 9.85
CA GLU C 103 -35.37 -8.80 11.28
C GLU C 103 -34.24 -9.70 11.77
N VAL C 104 -33.35 -9.11 12.57
CA VAL C 104 -32.21 -9.82 13.14
C VAL C 104 -32.15 -9.54 14.66
N TRP C 105 -31.32 -10.30 15.35
CA TRP C 105 -31.15 -10.16 16.78
C TRP C 105 -29.77 -9.67 17.05
N LYS C 106 -29.67 -8.57 17.78
CA LYS C 106 -28.42 -7.98 18.22
C LYS C 106 -28.04 -8.72 19.50
N LEU C 107 -26.90 -9.42 19.48
CA LEU C 107 -26.40 -10.22 20.59
C LEU C 107 -25.29 -9.45 21.27
N TYR C 108 -25.52 -8.95 22.48
CA TYR C 108 -24.55 -8.14 23.21
C TYR C 108 -23.59 -9.00 23.98
N LEU C 109 -22.32 -8.55 24.07
CA LEU C 109 -21.31 -9.29 24.85
C LEU C 109 -20.64 -8.35 25.84
N GLU C 110 -19.93 -8.89 26.84
CA GLU C 110 -19.30 -8.00 27.80
C GLU C 110 -18.01 -7.41 27.24
N HIS C 111 -17.17 -8.26 26.62
CA HIS C 111 -15.84 -7.89 26.15
C HIS C 111 -15.70 -8.14 24.66
N PRO C 112 -14.98 -7.29 23.89
CA PRO C 112 -14.83 -7.55 22.46
C PRO C 112 -14.17 -8.90 22.15
N GLN C 113 -13.24 -9.37 23.02
CA GLN C 113 -12.59 -10.67 22.86
C GLN C 113 -13.56 -11.85 23.07
N ASP C 114 -14.80 -11.57 23.55
CA ASP C 114 -15.84 -12.58 23.68
C ASP C 114 -16.39 -12.99 22.28
N VAL C 115 -16.46 -12.03 21.33
CA VAL C 115 -16.98 -12.24 19.95
C VAL C 115 -16.20 -13.42 19.25
N PRO C 116 -14.85 -13.40 19.11
CA PRO C 116 -14.18 -14.55 18.46
C PRO C 116 -14.25 -15.85 19.27
N ALA C 117 -14.60 -15.77 20.55
CA ALA C 117 -14.76 -16.97 21.38
C ALA C 117 -16.13 -17.60 21.14
N ILE C 118 -17.18 -16.78 20.95
CA ILE C 118 -18.53 -17.30 20.81
C ILE C 118 -19.14 -17.30 19.39
N ARG C 119 -18.63 -16.52 18.42
CA ARG C 119 -19.28 -16.37 17.11
C ARG C 119 -19.58 -17.70 16.35
N GLU C 120 -18.62 -18.66 16.32
CA GLU C 120 -18.81 -19.93 15.63
C GLU C 120 -19.80 -20.83 16.40
N LYS C 121 -19.87 -20.69 17.73
CA LYS C 121 -20.85 -21.42 18.52
C LYS C 121 -22.24 -20.96 18.08
N ILE C 122 -22.42 -19.62 17.88
CA ILE C 122 -23.71 -19.08 17.43
C ILE C 122 -23.97 -19.49 15.97
N ARG C 123 -22.99 -19.33 15.07
CA ARG C 123 -23.15 -19.72 13.67
C ARG C 123 -23.53 -21.24 13.52
N GLU C 124 -22.92 -22.16 14.33
CA GLU C 124 -23.16 -23.61 14.37
C GLU C 124 -24.61 -23.98 14.59
N HIS C 125 -25.31 -23.19 15.42
CA HIS C 125 -26.68 -23.46 15.87
C HIS C 125 -27.67 -23.79 14.73
N PRO C 126 -28.47 -24.89 14.87
CA PRO C 126 -29.43 -25.27 13.81
C PRO C 126 -30.48 -24.21 13.46
N ALA C 127 -30.76 -23.27 14.37
CA ALA C 127 -31.79 -22.25 14.17
C ALA C 127 -31.25 -20.90 13.67
N VAL C 128 -29.93 -20.81 13.50
CA VAL C 128 -29.25 -19.60 13.03
C VAL C 128 -29.01 -19.74 11.53
N VAL C 129 -29.56 -18.81 10.76
CA VAL C 129 -29.44 -18.80 9.29
C VAL C 129 -28.07 -18.24 8.95
N ASP C 130 -27.68 -17.15 9.61
CA ASP C 130 -26.39 -16.50 9.43
C ASP C 130 -26.16 -15.50 10.54
N ILE C 131 -24.89 -15.15 10.75
CA ILE C 131 -24.41 -14.14 11.69
C ILE C 131 -23.77 -12.99 10.87
N PHE C 132 -23.74 -11.77 11.44
CA PHE C 132 -23.21 -10.60 10.76
C PHE C 132 -22.40 -9.67 11.68
N GLU C 133 -21.52 -8.85 11.09
CA GLU C 133 -20.73 -7.81 11.76
C GLU C 133 -20.01 -8.40 13.00
N TYR C 134 -19.24 -9.47 12.76
CA TYR C 134 -18.55 -10.24 13.78
C TYR C 134 -17.00 -10.13 13.71
N ASP C 135 -16.45 -9.35 12.76
CA ASP C 135 -15.02 -9.12 12.59
C ASP C 135 -14.72 -7.62 12.45
N ILE C 136 -15.50 -6.78 13.14
CA ILE C 136 -15.27 -5.32 13.17
C ILE C 136 -14.50 -4.97 14.45
N PRO C 137 -13.22 -4.54 14.39
CA PRO C 137 -12.49 -4.21 15.63
C PRO C 137 -13.29 -3.25 16.51
N PHE C 138 -13.25 -3.48 17.83
CA PHE C 138 -14.03 -2.73 18.81
C PHE C 138 -13.86 -1.20 18.72
N ALA C 139 -12.63 -0.71 18.52
CA ALA C 139 -12.35 0.73 18.45
C ALA C 139 -12.97 1.39 17.21
N LYS C 140 -13.08 0.63 16.10
CA LYS C 140 -13.66 1.07 14.81
C LYS C 140 -15.19 0.98 14.90
N ARG C 141 -15.70 -0.05 15.62
CA ARG C 141 -17.12 -0.22 15.93
C ARG C 141 -17.59 1.01 16.66
N TYR C 142 -16.82 1.44 17.68
CA TYR C 142 -17.13 2.61 18.50
C TYR C 142 -17.22 3.88 17.65
N LEU C 143 -16.18 4.20 16.87
CA LEU C 143 -16.14 5.40 16.03
C LEU C 143 -17.32 5.52 15.06
N ILE C 144 -17.70 4.38 14.42
CA ILE C 144 -18.83 4.31 13.50
C ILE C 144 -20.13 4.52 14.25
N ASP C 145 -20.39 3.66 15.28
CA ASP C 145 -21.65 3.70 16.01
C ASP C 145 -21.91 5.01 16.75
N LYS C 146 -20.86 5.68 17.25
CA LYS C 146 -21.02 6.92 17.98
C LYS C 146 -21.07 8.15 17.06
N GLY C 147 -20.91 7.91 15.74
CA GLY C 147 -20.88 8.91 14.69
C GLY C 147 -19.71 9.87 14.89
N LEU C 148 -18.56 9.30 15.25
CA LEU C 148 -17.35 10.07 15.52
C LEU C 148 -16.37 9.99 14.34
N THR C 149 -15.88 11.17 13.92
CA THR C 149 -14.97 11.35 12.79
C THR C 149 -13.59 11.90 13.22
N PRO C 150 -12.48 11.15 12.96
CA PRO C 150 -11.15 11.67 13.28
C PRO C 150 -10.74 12.80 12.34
N MET C 151 -9.76 13.60 12.78
CA MET C 151 -9.08 14.66 12.02
C MET C 151 -10.01 15.83 11.58
N GLU C 152 -11.01 16.19 12.42
CA GLU C 152 -11.91 17.30 12.12
C GLU C 152 -11.44 18.60 12.79
N GLY C 153 -11.55 19.71 12.06
CA GLY C 153 -11.15 21.01 12.59
C GLY C 153 -9.83 21.54 12.09
N ASN C 154 -9.39 22.67 12.67
CA ASN C 154 -8.16 23.36 12.29
C ASN C 154 -7.03 23.10 13.31
N GLU C 155 -7.26 22.22 14.31
CA GLU C 155 -6.27 21.85 15.32
C GLU C 155 -4.93 21.58 14.65
N GLU C 156 -3.86 22.26 15.09
CA GLU C 156 -2.54 22.09 14.50
C GLU C 156 -1.71 21.06 15.29
N LEU C 157 -1.36 19.95 14.61
CA LEU C 157 -0.56 18.89 15.20
C LEU C 157 0.94 19.18 15.14
N THR C 158 1.70 18.58 16.07
CA THR C 158 3.17 18.64 16.09
C THR C 158 3.75 17.34 15.52
N PHE C 159 4.92 17.44 14.89
CA PHE C 159 5.55 16.33 14.21
C PHE C 159 7.01 16.21 14.55
N LEU C 160 7.50 14.97 14.54
CA LEU C 160 8.90 14.63 14.73
C LEU C 160 9.31 13.50 13.83
N ALA C 161 10.35 13.70 13.00
CA ALA C 161 10.87 12.60 12.18
C ALA C 161 11.96 11.92 12.96
N VAL C 162 12.04 10.59 12.88
CA VAL C 162 13.03 9.77 13.60
C VAL C 162 13.61 8.76 12.62
N ASP C 163 14.92 8.54 12.72
CA ASP C 163 15.62 7.54 11.92
C ASP C 163 16.76 6.99 12.73
N ILE C 164 17.29 5.81 12.33
CA ILE C 164 18.42 5.14 12.99
C ILE C 164 19.36 4.56 11.95
N GLU C 165 20.63 4.39 12.32
CA GLU C 165 21.65 3.72 11.51
C GLU C 165 22.22 2.61 12.38
N THR C 166 22.39 1.41 11.82
CA THR C 166 22.89 0.25 12.56
C THR C 166 24.20 -0.23 11.98
N LEU C 167 25.01 -0.96 12.78
CA LEU C 167 26.26 -1.61 12.34
C LEU C 167 25.87 -2.96 11.73
N TYR C 168 26.03 -3.12 10.43
CA TYR C 168 25.64 -4.37 9.79
C TYR C 168 26.81 -5.00 9.02
N HIS C 169 26.90 -6.34 9.09
CA HIS C 169 27.86 -7.21 8.39
C HIS C 169 27.05 -8.27 7.66
N GLU C 170 27.54 -8.74 6.51
CA GLU C 170 26.81 -9.64 5.63
C GLU C 170 26.14 -10.89 6.26
N GLY C 171 24.81 -10.95 6.09
CA GLY C 171 23.93 -12.04 6.50
C GLY C 171 23.71 -12.26 7.98
N GLU C 172 23.95 -11.23 8.81
CA GLU C 172 23.79 -11.25 10.26
C GLU C 172 22.31 -11.39 10.71
N GLU C 173 22.07 -11.91 11.94
CA GLU C 173 20.73 -12.06 12.51
C GLU C 173 20.18 -10.69 12.83
N PHE C 174 18.88 -10.46 12.59
CA PHE C 174 18.28 -9.16 12.88
C PHE C 174 18.57 -8.74 14.35
N GLY C 175 19.21 -7.59 14.50
CA GLY C 175 19.54 -7.04 15.81
C GLY C 175 20.86 -7.43 16.43
N LYS C 176 21.71 -8.24 15.74
CA LYS C 176 23.03 -8.62 16.28
C LYS C 176 23.94 -7.39 16.42
N GLY C 177 24.02 -6.59 15.37
CA GLY C 177 24.81 -5.36 15.34
C GLY C 177 24.15 -4.24 16.12
N PRO C 178 24.92 -3.40 16.82
CA PRO C 178 24.28 -2.33 17.60
C PRO C 178 23.71 -1.19 16.74
N ILE C 179 22.84 -0.34 17.34
CA ILE C 179 22.41 0.89 16.69
C ILE C 179 23.60 1.86 16.92
N ILE C 180 24.04 2.57 15.89
CA ILE C 180 25.23 3.42 16.05
C ILE C 180 24.90 4.90 15.98
N MET C 181 23.77 5.22 15.37
CA MET C 181 23.27 6.60 15.32
C MET C 181 21.77 6.58 15.36
N ILE C 182 21.19 7.59 15.98
CA ILE C 182 19.77 7.87 16.00
C ILE C 182 19.69 9.34 15.54
N SER C 183 18.86 9.63 14.55
CA SER C 183 18.63 10.98 14.10
C SER C 183 17.14 11.34 14.25
N TYR C 184 16.86 12.62 14.37
CA TYR C 184 15.52 13.16 14.47
C TYR C 184 15.52 14.55 13.88
N ALA C 185 14.35 15.02 13.45
CA ALA C 185 14.21 16.34 12.87
C ALA C 185 12.82 16.87 13.08
N ASP C 186 12.74 18.20 13.25
CA ASP C 186 11.50 18.98 13.29
C ASP C 186 11.80 20.37 12.72
N GLU C 187 10.95 21.35 13.00
CA GLU C 187 11.11 22.70 12.49
C GLU C 187 12.28 23.39 13.17
N GLU C 188 12.73 22.88 14.35
CA GLU C 188 13.89 23.39 15.09
C GLU C 188 15.22 22.93 14.46
N GLY C 189 15.15 21.95 13.54
CA GLY C 189 16.30 21.40 12.84
C GLY C 189 16.47 19.90 12.97
N ALA C 190 17.49 19.35 12.27
CA ALA C 190 17.83 17.94 12.25
C ALA C 190 19.03 17.67 13.15
N LYS C 191 18.93 16.62 14.00
CA LYS C 191 19.94 16.25 14.99
C LYS C 191 20.37 14.78 14.91
N VAL C 192 21.56 14.45 15.44
CA VAL C 192 22.11 13.09 15.50
C VAL C 192 22.60 12.79 16.95
N ILE C 193 22.29 11.58 17.45
CA ILE C 193 22.77 11.06 18.73
C ILE C 193 23.64 9.85 18.38
N THR C 194 24.91 9.87 18.78
CA THR C 194 25.84 8.76 18.49
C THR C 194 26.70 8.51 19.72
N TRP C 195 27.42 7.37 19.76
CA TRP C 195 28.26 7.04 20.91
C TRP C 195 29.75 6.87 20.59
N LYS C 196 30.20 7.59 19.55
CA LYS C 196 31.59 7.79 19.13
C LYS C 196 31.75 9.28 18.82
N SER C 197 32.93 9.83 19.07
CA SER C 197 33.26 11.23 18.89
C SER C 197 33.25 11.68 17.41
N ILE C 198 32.38 12.64 17.10
CA ILE C 198 32.20 13.22 15.77
C ILE C 198 32.02 14.71 16.00
N ASP C 199 32.84 15.56 15.38
CA ASP C 199 32.76 16.99 15.65
C ASP C 199 31.94 17.76 14.60
N LEU C 200 30.62 17.76 14.81
CA LEU C 200 29.65 18.48 13.97
C LEU C 200 28.65 19.23 14.84
N PRO C 201 28.16 20.41 14.40
CA PRO C 201 27.24 21.19 15.24
C PRO C 201 25.91 20.47 15.57
N TYR C 202 25.46 19.55 14.70
CA TYR C 202 24.19 18.86 14.92
C TYR C 202 24.37 17.47 15.55
N VAL C 203 25.58 17.10 15.97
CA VAL C 203 25.85 15.79 16.58
C VAL C 203 25.94 15.92 18.11
N GLU C 204 25.13 15.10 18.82
CA GLU C 204 25.16 14.93 20.28
C GLU C 204 25.93 13.63 20.57
N VAL C 205 27.07 13.73 21.26
CA VAL C 205 27.87 12.52 21.53
C VAL C 205 27.58 11.99 22.93
N VAL C 206 27.13 10.73 23.02
CA VAL C 206 26.88 10.08 24.31
C VAL C 206 27.91 8.94 24.49
N SER C 207 27.85 8.24 25.63
CA SER C 207 28.86 7.23 25.99
C SER C 207 28.62 5.79 25.50
N SER C 208 27.38 5.41 25.18
CA SER C 208 27.07 4.03 24.80
C SER C 208 25.81 3.93 23.96
N GLU C 209 25.56 2.74 23.39
CA GLU C 209 24.33 2.47 22.64
C GLU C 209 23.15 2.63 23.59
N ARG C 210 23.30 2.17 24.84
CA ARG C 210 22.29 2.27 25.89
C ARG C 210 21.92 3.73 26.17
N GLU C 211 22.92 4.62 26.34
CA GLU C 211 22.67 6.03 26.60
C GLU C 211 22.06 6.76 25.38
N MET C 212 22.39 6.35 24.15
CA MET C 212 21.85 6.91 22.90
C MET C 212 20.37 6.62 22.79
N ILE C 213 19.95 5.38 23.12
CA ILE C 213 18.55 4.94 23.09
C ILE C 213 17.72 5.71 24.16
N LYS C 214 18.28 5.86 25.38
CA LYS C 214 17.66 6.60 26.48
C LYS C 214 17.46 8.10 26.09
N ARG C 215 18.42 8.70 25.37
CA ARG C 215 18.37 10.07 24.85
C ARG C 215 17.21 10.23 23.83
N LEU C 216 17.00 9.23 22.93
CA LEU C 216 15.88 9.26 21.97
C LEU C 216 14.55 9.24 22.75
N VAL C 217 14.42 8.34 23.73
CA VAL C 217 13.25 8.27 24.64
C VAL C 217 13.00 9.67 25.25
N LYS C 218 14.07 10.34 25.73
CA LYS C 218 13.97 11.66 26.39
C LYS C 218 13.57 12.78 25.40
N VAL C 219 14.03 12.71 24.16
CA VAL C 219 13.69 13.68 23.10
C VAL C 219 12.19 13.55 22.75
N ILE C 220 11.70 12.31 22.63
CA ILE C 220 10.31 12.03 22.31
C ILE C 220 9.39 12.48 23.46
N ARG C 221 9.75 12.16 24.71
CA ARG C 221 8.92 12.56 25.86
C ARG C 221 8.89 14.08 26.03
N GLU C 222 10.00 14.77 25.74
CA GLU C 222 10.06 16.22 25.91
C GLU C 222 9.42 16.98 24.75
N LYS C 223 9.65 16.54 23.51
CA LYS C 223 9.05 17.23 22.37
C LYS C 223 7.56 16.93 22.30
N ASP C 224 7.15 15.75 22.86
CA ASP C 224 5.80 15.20 22.95
C ASP C 224 5.08 15.38 21.58
N PRO C 225 5.66 14.86 20.48
CA PRO C 225 5.02 15.07 19.18
C PRO C 225 3.72 14.29 19.07
N ASP C 226 2.76 14.87 18.36
CA ASP C 226 1.51 14.19 18.09
C ASP C 226 1.75 13.13 17.03
N VAL C 227 2.71 13.39 16.12
CA VAL C 227 3.02 12.51 15.00
C VAL C 227 4.48 12.13 14.96
N ILE C 228 4.75 10.83 14.90
CA ILE C 228 6.14 10.40 14.72
C ILE C 228 6.26 9.86 13.30
N ILE C 229 7.09 10.52 12.48
CA ILE C 229 7.36 10.16 11.10
C ILE C 229 8.60 9.29 10.99
N THR C 230 8.47 8.21 10.24
CA THR C 230 9.55 7.30 9.89
C THR C 230 9.45 6.93 8.42
N TYR C 231 10.54 6.41 7.91
CA TYR C 231 10.62 5.85 6.60
C TYR C 231 10.87 4.38 6.85
N ASN C 232 9.81 3.56 6.72
CA ASN C 232 9.82 2.11 6.98
C ASN C 232 10.15 1.77 8.48
N GLY C 233 9.69 2.60 9.42
CA GLY C 233 9.85 2.37 10.84
C GLY C 233 9.02 1.20 11.36
N ASP C 234 8.01 0.79 10.57
CA ASP C 234 7.18 -0.38 10.90
C ASP C 234 8.02 -1.68 10.86
N ASN C 235 8.97 -1.77 9.92
CA ASN C 235 9.76 -2.97 9.74
C ASN C 235 11.20 -2.81 10.14
N PHE C 236 11.73 -1.58 10.17
CA PHE C 236 13.13 -1.48 10.54
C PHE C 236 13.35 -0.70 11.85
N ALA C 237 13.22 0.63 11.88
CA ALA C 237 13.59 1.44 13.04
C ALA C 237 12.99 0.97 14.37
N PHE C 238 11.66 0.81 14.46
CA PHE C 238 11.04 0.42 15.73
C PHE C 238 11.31 -1.04 16.10
N PRO C 239 11.14 -2.07 15.22
CA PRO C 239 11.52 -3.45 15.59
C PRO C 239 12.96 -3.56 16.07
N TYR C 240 13.91 -2.83 15.43
CA TYR C 240 15.33 -2.83 15.79
C TYR C 240 15.56 -2.17 17.16
N LEU C 241 14.92 -0.98 17.40
CA LEU C 241 15.00 -0.26 18.67
C LEU C 241 14.52 -1.16 19.79
N LEU C 242 13.38 -1.87 19.56
CA LEU C 242 12.79 -2.80 20.52
C LEU C 242 13.71 -4.01 20.80
N LYS C 243 14.36 -4.56 19.74
CA LYS C 243 15.28 -5.70 19.89
C LYS C 243 16.52 -5.28 20.69
N ARG C 244 17.09 -4.10 20.37
CA ARG C 244 18.26 -3.60 21.07
C ARG C 244 17.91 -3.19 22.52
N ALA C 245 16.73 -2.57 22.74
CA ALA C 245 16.24 -2.21 24.08
C ALA C 245 16.10 -3.44 24.96
N GLU C 246 15.63 -4.57 24.38
CA GLU C 246 15.49 -5.86 25.05
C GLU C 246 16.85 -6.41 25.54
N LYS C 247 17.83 -6.47 24.60
CA LYS C 247 19.19 -6.96 24.84
C LYS C 247 19.93 -6.14 25.90
N LEU C 248 19.60 -4.83 25.96
CA LEU C 248 20.20 -3.83 26.84
C LEU C 248 19.48 -3.69 28.19
N GLY C 249 18.34 -4.37 28.35
CA GLY C 249 17.53 -4.33 29.57
C GLY C 249 16.98 -2.95 29.88
N ILE C 250 16.47 -2.23 28.86
CA ILE C 250 15.90 -0.88 29.02
C ILE C 250 14.53 -0.84 28.38
N LYS C 251 13.65 0.03 28.92
CA LYS C 251 12.29 0.18 28.40
C LYS C 251 12.23 1.36 27.42
N LEU C 252 11.22 1.38 26.54
CA LEU C 252 10.98 2.46 25.58
C LEU C 252 9.64 3.12 25.88
N PRO C 253 9.47 3.85 27.01
CA PRO C 253 8.13 4.41 27.32
C PRO C 253 7.77 5.60 26.42
N LEU C 254 7.49 5.29 25.13
CA LEU C 254 7.18 6.24 24.05
C LEU C 254 5.69 6.62 23.96
N GLY C 255 4.82 5.73 24.42
CA GLY C 255 3.38 5.97 24.46
C GLY C 255 3.09 7.08 25.45
N ARG C 256 2.01 7.85 25.21
CA ARG C 256 1.64 8.95 26.11
C ARG C 256 1.08 8.41 27.45
N ASP C 257 0.89 7.08 27.53
CA ASP C 257 0.44 6.38 28.75
C ASP C 257 1.62 5.57 29.32
N ASN C 258 2.84 5.85 28.79
CA ASN C 258 4.17 5.28 29.10
C ASN C 258 4.39 3.86 28.57
N SER C 259 3.54 3.44 27.61
CA SER C 259 3.68 2.11 27.03
C SER C 259 4.78 2.06 26.00
N GLU C 260 5.28 0.85 25.71
CA GLU C 260 6.31 0.67 24.70
C GLU C 260 5.68 0.59 23.30
N PRO C 261 6.36 1.02 22.20
CA PRO C 261 5.78 0.84 20.85
C PRO C 261 5.33 -0.61 20.64
N LYS C 262 4.19 -0.82 19.99
CA LYS C 262 3.67 -2.17 19.85
C LYS C 262 3.66 -2.65 18.40
N MET C 263 4.28 -3.81 18.18
CA MET C 263 4.34 -4.47 16.89
C MET C 263 3.03 -5.24 16.64
N GLN C 264 2.43 -4.98 15.46
CA GLN C 264 1.19 -5.59 15.00
C GLN C 264 1.50 -6.34 13.71
N ARG C 265 0.93 -7.55 13.53
CA ARG C 265 1.19 -8.35 12.33
C ARG C 265 0.27 -7.93 11.19
N MET C 266 0.85 -7.31 10.16
CA MET C 266 0.09 -6.90 8.98
C MET C 266 0.70 -7.63 7.78
N GLY C 267 0.00 -8.69 7.36
CA GLY C 267 0.45 -9.58 6.31
C GLY C 267 1.53 -10.50 6.85
N ASP C 268 2.74 -10.38 6.27
CA ASP C 268 3.95 -11.10 6.68
C ASP C 268 4.97 -10.09 7.20
N SER C 269 4.66 -8.79 7.03
CA SER C 269 5.46 -7.66 7.49
C SER C 269 4.93 -7.16 8.86
N LEU C 270 5.37 -5.97 9.33
CA LEU C 270 4.91 -5.46 10.62
C LEU C 270 4.27 -4.08 10.52
N ALA C 271 3.55 -3.68 11.57
CA ALA C 271 2.96 -2.36 11.73
C ALA C 271 3.16 -1.95 13.18
N VAL C 272 3.76 -0.78 13.43
CA VAL C 272 4.06 -0.37 14.79
C VAL C 272 3.18 0.79 15.23
N GLU C 273 2.55 0.63 16.39
CA GLU C 273 1.74 1.66 17.00
C GLU C 273 2.41 2.21 18.25
N ILE C 274 2.26 3.52 18.47
CA ILE C 274 2.71 4.28 19.64
C ILE C 274 1.45 4.93 20.19
N LYS C 275 0.98 4.46 21.35
CA LYS C 275 -0.28 4.88 21.96
C LYS C 275 -0.27 6.37 22.35
N GLY C 276 -1.36 7.04 21.97
CA GLY C 276 -1.62 8.47 22.19
C GLY C 276 -1.02 9.35 21.11
N ARG C 277 -0.28 8.73 20.15
CA ARG C 277 0.38 9.41 19.02
C ARG C 277 0.01 8.75 17.73
N ILE C 278 0.42 9.39 16.63
CA ILE C 278 0.25 8.80 15.32
C ILE C 278 1.65 8.41 14.82
N HIS C 279 1.96 7.09 14.73
CA HIS C 279 3.19 6.66 14.08
C HIS C 279 2.87 6.66 12.59
N PHE C 280 3.39 7.65 11.88
CA PHE C 280 3.14 7.82 10.47
C PHE C 280 4.31 7.29 9.67
N ASP C 281 4.17 6.06 9.19
CA ASP C 281 5.21 5.47 8.38
C ASP C 281 4.93 5.82 6.92
N LEU C 282 5.83 6.60 6.32
CA LEU C 282 5.76 7.05 4.93
C LEU C 282 5.87 5.95 3.89
N PHE C 283 6.61 4.86 4.19
CA PHE C 283 6.88 3.78 3.23
C PHE C 283 5.58 3.20 2.56
N PRO C 284 4.55 2.68 3.29
CA PRO C 284 3.33 2.24 2.58
C PRO C 284 2.63 3.40 1.84
N VAL C 285 2.70 4.64 2.40
CA VAL C 285 2.05 5.83 1.84
C VAL C 285 2.61 6.16 0.48
N ILE C 286 3.95 6.37 0.40
CA ILE C 286 4.64 6.75 -0.82
C ILE C 286 4.52 5.65 -1.88
N ARG C 287 4.64 4.37 -1.49
CA ARG C 287 4.50 3.20 -2.38
C ARG C 287 3.14 3.21 -3.13
N ARG C 288 2.08 3.64 -2.45
N ARG C 288 2.09 3.65 -2.44
CA ARG C 288 0.75 3.72 -3.05
CA ARG C 288 0.71 3.73 -2.94
C ARG C 288 0.57 4.98 -3.90
C ARG C 288 0.47 5.00 -3.79
N THR C 289 1.13 6.11 -3.43
CA THR C 289 0.95 7.42 -4.06
C THR C 289 1.76 7.60 -5.34
N ILE C 290 3.03 7.19 -5.35
CA ILE C 290 3.83 7.43 -6.55
C ILE C 290 4.43 6.13 -7.07
N ASN C 291 4.72 6.13 -8.38
CA ASN C 291 5.27 5.02 -9.15
C ASN C 291 6.75 5.22 -9.41
N LEU C 292 7.58 4.34 -8.83
CA LEU C 292 9.04 4.36 -8.93
C LEU C 292 9.59 2.94 -9.03
N PRO C 293 10.71 2.70 -9.76
CA PRO C 293 11.27 1.33 -9.80
C PRO C 293 11.83 0.89 -8.43
N THR C 294 12.38 1.85 -7.63
CA THR C 294 12.88 1.64 -6.24
C THR C 294 12.36 2.71 -5.31
N TYR C 295 12.00 2.32 -4.08
CA TYR C 295 11.51 3.23 -3.08
C TYR C 295 12.59 3.50 -2.02
N THR C 296 13.78 3.91 -2.50
CA THR C 296 14.86 4.34 -1.60
C THR C 296 14.50 5.75 -1.19
N LEU C 297 14.87 6.17 0.02
CA LEU C 297 14.59 7.52 0.48
C LEU C 297 15.10 8.60 -0.53
N GLU C 298 16.32 8.41 -1.07
CA GLU C 298 16.98 9.23 -2.08
C GLU C 298 16.12 9.38 -3.37
N ALA C 299 15.59 8.25 -3.90
CA ALA C 299 14.78 8.27 -5.12
C ALA C 299 13.46 8.98 -4.88
N VAL C 300 12.87 8.76 -3.70
CA VAL C 300 11.60 9.35 -3.29
C VAL C 300 11.74 10.87 -3.12
N TYR C 301 12.77 11.32 -2.38
CA TYR C 301 13.02 12.74 -2.15
C TYR C 301 13.22 13.45 -3.51
N GLU C 302 14.05 12.86 -4.40
CA GLU C 302 14.31 13.46 -5.72
C GLU C 302 13.03 13.54 -6.57
N ALA C 303 12.15 12.53 -6.49
CA ALA C 303 10.91 12.50 -7.25
C ALA C 303 9.95 13.61 -6.78
N ILE C 304 9.89 13.88 -5.47
CA ILE C 304 8.94 14.84 -4.89
C ILE C 304 9.44 16.29 -4.93
N PHE C 305 10.70 16.52 -4.56
CA PHE C 305 11.30 17.85 -4.44
C PHE C 305 12.36 18.19 -5.52
N GLY C 306 12.59 17.27 -6.47
CA GLY C 306 13.53 17.46 -7.57
C GLY C 306 14.95 17.78 -7.15
N LYS C 307 15.34 17.30 -5.96
CA LYS C 307 16.67 17.53 -5.41
C LYS C 307 17.35 16.22 -5.12
N SER C 308 18.67 16.18 -5.36
CA SER C 308 19.52 15.03 -5.16
C SER C 308 19.86 14.83 -3.68
N LYS C 309 19.99 13.55 -3.28
CA LYS C 309 20.36 13.12 -1.93
C LYS C 309 21.41 12.03 -2.06
N GLU C 310 22.52 12.13 -1.31
CA GLU C 310 23.58 11.13 -1.35
C GLU C 310 23.26 9.90 -0.50
N LYS C 311 23.62 8.70 -1.01
CA LYS C 311 23.47 7.47 -0.25
C LYS C 311 24.81 7.04 0.29
N VAL C 312 24.83 6.60 1.55
CA VAL C 312 26.01 6.02 2.17
C VAL C 312 25.59 4.57 2.42
N TYR C 313 26.20 3.63 1.72
CA TYR C 313 25.83 2.21 1.83
C TYR C 313 26.30 1.57 3.15
N ALA C 314 25.59 0.50 3.59
CA ALA C 314 25.84 -0.21 4.84
C ALA C 314 27.31 -0.60 5.06
N HIS C 315 27.99 -1.10 4.02
CA HIS C 315 29.40 -1.52 4.08
C HIS C 315 30.34 -0.33 4.35
N GLU C 316 30.01 0.89 3.81
CA GLU C 316 30.76 2.14 4.06
C GLU C 316 30.56 2.61 5.51
N ILE C 317 29.33 2.42 6.05
CA ILE C 317 28.96 2.80 7.42
C ILE C 317 29.74 1.90 8.40
N ALA C 318 29.82 0.58 8.12
CA ALA C 318 30.54 -0.39 8.94
C ALA C 318 32.05 -0.06 8.98
N GLU C 319 32.63 0.23 7.81
CA GLU C 319 34.03 0.58 7.67
C GLU C 319 34.38 1.84 8.45
N ALA C 320 33.59 2.91 8.30
CA ALA C 320 33.76 4.18 9.02
C ALA C 320 33.64 3.99 10.55
N TRP C 321 32.63 3.22 11.00
CA TRP C 321 32.43 2.98 12.43
C TRP C 321 33.58 2.19 13.04
N GLU C 322 34.03 1.11 12.36
CA GLU C 322 35.08 0.20 12.84
C GLU C 322 36.46 0.84 12.80
N THR C 323 36.75 1.62 11.74
CA THR C 323 38.03 2.34 11.54
C THR C 323 38.06 3.65 12.32
N GLY C 324 36.90 4.28 12.51
CA GLY C 324 36.82 5.57 13.17
C GLY C 324 37.18 6.71 12.23
N LYS C 325 37.38 6.39 10.95
CA LYS C 325 37.70 7.33 9.87
C LYS C 325 36.49 7.50 8.98
N GLY C 326 36.23 8.73 8.52
CA GLY C 326 35.09 9.07 7.66
C GLY C 326 33.74 9.06 8.36
N LEU C 327 33.73 9.39 9.67
CA LEU C 327 32.50 9.38 10.45
C LEU C 327 31.61 10.60 10.22
N GLU C 328 32.21 11.74 9.83
CA GLU C 328 31.49 13.00 9.53
C GLU C 328 30.53 12.79 8.36
N ARG C 329 30.96 11.97 7.37
CA ARG C 329 30.19 11.63 6.19
C ARG C 329 28.95 10.80 6.60
N VAL C 330 29.12 9.83 7.51
CA VAL C 330 28.04 8.97 8.04
C VAL C 330 27.03 9.83 8.88
N ALA C 331 27.52 10.71 9.79
CA ALA C 331 26.63 11.57 10.56
C ALA C 331 25.83 12.56 9.68
N LYS C 332 26.41 13.03 8.55
CA LYS C 332 25.72 13.94 7.63
C LYS C 332 24.56 13.20 6.92
N TYR C 333 24.81 11.94 6.53
CA TYR C 333 23.83 11.05 5.92
C TYR C 333 22.67 10.78 6.89
N SER C 334 22.98 10.45 8.17
CA SER C 334 21.99 10.18 9.24
C SER C 334 21.12 11.42 9.45
N MET C 335 21.75 12.60 9.54
CA MET C 335 21.07 13.88 9.73
C MET C 335 20.14 14.18 8.55
N GLU C 336 20.58 13.94 7.31
CA GLU C 336 19.76 14.20 6.12
C GLU C 336 18.56 13.26 6.05
N ASP C 337 18.75 11.96 6.38
CA ASP C 337 17.69 10.98 6.43
C ASP C 337 16.54 11.50 7.28
N ALA C 338 16.82 12.02 8.49
CA ALA C 338 15.79 12.61 9.37
C ALA C 338 15.17 13.88 8.73
N LYS C 339 16.01 14.82 8.25
CA LYS C 339 15.61 16.08 7.63
C LYS C 339 14.67 15.85 6.44
N VAL C 340 15.01 14.93 5.54
CA VAL C 340 14.15 14.67 4.38
C VAL C 340 12.92 13.87 4.80
N THR C 341 13.02 13.03 5.85
CA THR C 341 11.87 12.29 6.37
C THR C 341 10.88 13.30 6.94
N PHE C 342 11.39 14.37 7.60
CA PHE C 342 10.52 15.42 8.12
C PHE C 342 9.77 16.16 6.99
N GLU C 343 10.49 16.53 5.91
CA GLU C 343 9.96 17.24 4.75
C GLU C 343 8.95 16.38 3.98
N LEU C 344 9.22 15.08 3.87
CA LEU C 344 8.30 14.18 3.18
C LEU C 344 7.03 13.93 4.01
N GLY C 345 7.18 13.87 5.34
CA GLY C 345 6.05 13.69 6.26
C GLY C 345 5.05 14.82 6.17
N LYS C 346 5.59 16.05 6.11
CA LYS C 346 4.82 17.29 6.01
C LYS C 346 4.16 17.38 4.65
N GLU C 347 4.82 16.84 3.61
CA GLU C 347 4.27 16.86 2.26
C GLU C 347 3.08 15.88 2.14
N PHE C 348 3.22 14.65 2.68
CA PHE C 348 2.25 13.55 2.52
C PHE C 348 1.18 13.41 3.58
N PHE C 349 1.38 13.98 4.77
CA PHE C 349 0.37 13.83 5.84
C PHE C 349 -0.96 14.56 5.56
N PRO C 350 -1.01 15.81 4.98
CA PRO C 350 -2.30 16.51 4.82
C PRO C 350 -3.36 15.72 4.08
N MET C 351 -2.98 14.99 3.00
CA MET C 351 -3.87 14.15 2.20
C MET C 351 -4.30 12.90 3.00
N GLU C 352 -3.39 12.29 3.78
CA GLU C 352 -3.72 11.14 4.63
C GLU C 352 -4.71 11.56 5.72
N ALA C 353 -4.52 12.78 6.27
CA ALA C 353 -5.42 13.37 7.26
C ALA C 353 -6.82 13.63 6.68
N GLN C 354 -6.93 14.06 5.41
CA GLN C 354 -8.25 14.29 4.81
C GLN C 354 -8.94 12.99 4.42
N LEU C 355 -8.16 11.94 4.08
CA LEU C 355 -8.71 10.62 3.74
C LEU C 355 -9.24 9.97 4.98
N ALA C 356 -8.52 10.13 6.11
CA ALA C 356 -8.92 9.63 7.44
C ALA C 356 -10.31 10.16 7.81
N ARG C 357 -10.46 11.49 7.78
CA ARG C 357 -11.68 12.26 8.06
C ARG C 357 -12.82 11.83 7.14
N LEU C 358 -12.55 11.70 5.84
CA LEU C 358 -13.54 11.29 4.84
C LEU C 358 -14.10 9.87 5.10
N VAL C 359 -13.24 8.92 5.50
CA VAL C 359 -13.66 7.53 5.74
C VAL C 359 -14.05 7.33 7.21
N GLY C 360 -13.66 8.29 8.06
CA GLY C 360 -13.99 8.25 9.48
C GLY C 360 -13.26 7.19 10.27
N GLN C 361 -11.97 7.01 9.99
CA GLN C 361 -11.08 6.09 10.69
C GLN C 361 -9.75 6.77 10.93
N PRO C 362 -8.95 6.35 11.96
CA PRO C 362 -7.68 7.06 12.25
C PRO C 362 -6.65 6.99 11.14
N VAL C 363 -5.78 8.02 11.06
CA VAL C 363 -4.68 8.16 10.09
C VAL C 363 -3.82 6.90 10.15
N TRP C 364 -3.53 6.39 11.37
CA TRP C 364 -2.69 5.19 11.55
C TRP C 364 -3.18 4.05 10.61
N ASP C 365 -4.47 3.73 10.66
CA ASP C 365 -5.08 2.66 9.89
C ASP C 365 -5.22 3.00 8.41
N VAL C 366 -5.63 4.24 8.11
CA VAL C 366 -5.90 4.76 6.76
C VAL C 366 -4.58 4.85 5.97
N SER C 367 -3.51 5.36 6.58
CA SER C 367 -2.22 5.49 5.90
C SER C 367 -1.64 4.12 5.52
N ARG C 368 -2.13 3.04 6.15
CA ARG C 368 -1.69 1.67 5.89
C ARG C 368 -2.74 0.86 5.07
N SER C 369 -3.75 1.51 4.47
CA SER C 369 -4.80 0.78 3.73
C SER C 369 -4.75 0.92 2.24
N SER C 370 -5.26 -0.11 1.54
CA SER C 370 -5.49 -0.05 0.10
C SER C 370 -6.73 0.83 -0.13
N THR C 371 -7.00 1.24 -1.39
CA THR C 371 -8.19 2.04 -1.65
C THR C 371 -9.44 1.22 -1.41
N GLY C 372 -9.37 -0.08 -1.69
CA GLY C 372 -10.48 -1.00 -1.47
C GLY C 372 -10.91 -1.05 -0.02
N ASN C 373 -9.94 -1.05 0.91
CA ASN C 373 -10.23 -1.05 2.32
C ASN C 373 -10.72 0.33 2.83
N LEU C 374 -10.33 1.43 2.15
CA LEU C 374 -10.83 2.78 2.46
C LEU C 374 -12.33 2.80 2.13
N VAL C 375 -12.71 2.27 0.93
CA VAL C 375 -14.10 2.16 0.47
C VAL C 375 -14.90 1.35 1.50
N GLU C 376 -14.40 0.17 1.90
CA GLU C 376 -15.10 -0.68 2.84
C GLU C 376 -15.39 0.02 4.16
N TRP C 377 -14.43 0.78 4.71
CA TRP C 377 -14.65 1.54 5.93
C TRP C 377 -15.66 2.69 5.74
N PHE C 378 -15.67 3.33 4.56
CA PHE C 378 -16.66 4.37 4.25
C PHE C 378 -18.05 3.73 4.18
N LEU C 379 -18.16 2.52 3.57
CA LEU C 379 -19.41 1.78 3.38
C LEU C 379 -19.95 1.27 4.71
N LEU C 380 -19.07 0.76 5.58
CA LEU C 380 -19.46 0.28 6.89
C LEU C 380 -20.08 1.38 7.76
N ARG C 381 -19.49 2.60 7.73
CA ARG C 381 -19.98 3.73 8.49
C ARG C 381 -21.33 4.18 7.97
N LYS C 382 -21.44 4.30 6.63
CA LYS C 382 -22.65 4.68 5.91
C LYS C 382 -23.75 3.64 6.10
N ALA C 383 -23.38 2.35 6.20
CA ALA C 383 -24.31 1.26 6.47
C ALA C 383 -24.96 1.46 7.84
N TYR C 384 -24.17 1.81 8.89
CA TYR C 384 -24.71 2.10 10.24
C TYR C 384 -25.67 3.32 10.21
N GLU C 385 -25.26 4.38 9.50
CA GLU C 385 -26.05 5.61 9.36
C GLU C 385 -27.41 5.36 8.69
N ARG C 386 -27.47 4.43 7.71
CA ARG C 386 -28.67 4.12 6.91
C ARG C 386 -29.42 2.89 7.39
N ASN C 387 -29.02 2.30 8.56
CA ASN C 387 -29.59 1.08 9.17
C ASN C 387 -29.49 -0.08 8.17
N GLU C 388 -28.33 -0.21 7.48
CA GLU C 388 -28.17 -1.29 6.53
C GLU C 388 -27.23 -2.36 7.09
N LEU C 389 -27.72 -3.59 7.15
CA LEU C 389 -26.91 -4.72 7.62
C LEU C 389 -25.78 -4.93 6.63
N ALA C 390 -24.55 -4.98 7.10
CA ALA C 390 -23.38 -5.16 6.24
C ALA C 390 -23.21 -6.63 5.82
N PRO C 391 -22.89 -6.92 4.54
CA PRO C 391 -22.59 -8.30 4.16
C PRO C 391 -21.26 -8.73 4.78
N ASN C 392 -21.07 -10.04 4.87
CA ASN C 392 -19.85 -10.61 5.41
C ASN C 392 -18.78 -10.67 4.35
N LYS C 393 -17.55 -10.78 4.82
CA LYS C 393 -16.40 -10.99 3.97
C LYS C 393 -16.51 -12.42 3.45
N PRO C 394 -16.01 -12.73 2.25
CA PRO C 394 -16.08 -14.13 1.80
C PRO C 394 -15.23 -15.06 2.66
N ASP C 395 -15.55 -16.36 2.67
CA ASP C 395 -14.70 -17.39 3.31
C ASP C 395 -13.59 -17.72 2.30
N GLU C 396 -12.61 -18.59 2.67
CA GLU C 396 -11.49 -18.99 1.80
C GLU C 396 -12.00 -19.48 0.43
N ARG C 397 -13.04 -20.35 0.44
CA ARG C 397 -13.70 -20.92 -0.74
C ARG C 397 -14.25 -19.85 -1.68
N GLU C 398 -15.07 -18.92 -1.13
CA GLU C 398 -15.70 -17.83 -1.88
C GLU C 398 -14.64 -16.83 -2.38
N TYR C 399 -13.65 -16.51 -1.54
CA TYR C 399 -12.57 -15.59 -1.94
C TYR C 399 -11.82 -16.12 -3.19
N GLU C 400 -11.52 -17.44 -3.23
CA GLU C 400 -10.79 -18.08 -4.34
C GLU C 400 -11.62 -18.19 -5.63
N ARG C 401 -12.94 -18.48 -5.49
CA ARG C 401 -13.88 -18.57 -6.61
C ARG C 401 -14.00 -17.20 -7.31
N ARG C 402 -13.98 -16.09 -6.52
CA ARG C 402 -14.05 -14.71 -7.06
C ARG C 402 -12.76 -14.41 -7.87
N LEU C 403 -11.59 -14.89 -7.37
CA LEU C 403 -10.30 -14.73 -8.04
C LEU C 403 -10.26 -15.47 -9.38
N ARG C 404 -11.08 -16.53 -9.49
CA ARG C 404 -11.20 -17.40 -10.67
C ARG C 404 -12.16 -16.85 -11.74
N GLU C 405 -13.19 -16.07 -11.33
CA GLU C 405 -14.23 -15.51 -12.22
C GLU C 405 -13.65 -14.77 -13.45
N SER C 406 -14.21 -15.13 -14.65
CA SER C 406 -13.85 -14.72 -16.01
C SER C 406 -13.86 -13.21 -16.32
N TYR C 407 -15.00 -12.51 -16.10
CA TYR C 407 -15.24 -11.08 -16.41
C TYR C 407 -15.21 -10.83 -17.94
N GLU C 408 -16.22 -11.35 -18.65
CA GLU C 408 -16.37 -11.23 -20.09
C GLU C 408 -17.38 -10.17 -20.44
N LYS C 413 -7.51 -3.83 -25.21
CA LYS C 413 -6.97 -4.14 -26.54
C LYS C 413 -5.49 -4.51 -26.45
N GLU C 414 -4.92 -5.06 -27.55
CA GLU C 414 -3.50 -5.41 -27.57
C GLU C 414 -2.69 -4.20 -28.12
N PRO C 415 -1.70 -3.72 -27.33
CA PRO C 415 -0.95 -2.51 -27.70
C PRO C 415 -0.28 -2.52 -29.07
N GLU C 416 0.02 -1.32 -29.62
CA GLU C 416 0.81 -1.15 -30.86
C GLU C 416 2.25 -1.47 -30.56
N LYS C 417 2.89 -2.27 -31.37
CA LYS C 417 4.29 -2.66 -31.24
C LYS C 417 5.23 -1.50 -31.61
N GLY C 418 6.51 -1.67 -31.32
CA GLY C 418 7.52 -0.69 -31.68
C GLY C 418 7.67 0.46 -30.72
N LEU C 419 8.58 1.34 -31.07
CA LEU C 419 8.95 2.50 -30.32
C LEU C 419 8.27 3.72 -30.89
N TRP C 420 7.48 4.40 -30.06
CA TRP C 420 6.71 5.57 -30.44
C TRP C 420 7.27 6.84 -29.78
N GLU C 421 7.13 7.96 -30.48
CA GLU C 421 7.60 9.29 -30.09
C GLU C 421 6.42 10.21 -29.87
N GLY C 422 6.56 11.16 -28.94
CA GLY C 422 5.53 12.16 -28.67
C GLY C 422 4.22 11.54 -28.22
N ILE C 423 4.24 10.91 -27.06
CA ILE C 423 3.08 10.21 -26.53
C ILE C 423 2.33 11.08 -25.56
N VAL C 424 1.03 11.18 -25.80
CA VAL C 424 0.14 11.92 -24.93
C VAL C 424 -0.63 10.88 -24.05
N SER C 425 -0.79 11.17 -22.76
CA SER C 425 -1.50 10.29 -21.84
C SER C 425 -2.88 10.89 -21.40
N LEU C 426 -3.97 10.14 -21.63
CA LEU C 426 -5.35 10.52 -21.24
C LEU C 426 -5.90 9.57 -20.20
N ASP C 427 -6.50 10.12 -19.12
CA ASP C 427 -7.05 9.33 -18.01
C ASP C 427 -8.59 9.24 -18.09
N PHE C 428 -9.14 8.00 -17.95
CA PHE C 428 -10.60 7.73 -18.03
C PHE C 428 -11.31 7.59 -16.71
N ARG C 429 -10.58 7.41 -15.59
CA ARG C 429 -11.12 7.04 -14.27
C ARG C 429 -12.30 7.87 -13.74
N SER C 430 -12.36 9.19 -14.04
CA SER C 430 -13.45 10.05 -13.52
C SER C 430 -14.74 9.89 -14.32
N LEU C 431 -14.82 8.84 -15.14
CA LEU C 431 -15.97 8.48 -15.95
C LEU C 431 -16.93 7.52 -15.15
N TYR C 432 -16.36 6.49 -14.51
CA TYR C 432 -17.03 5.40 -13.80
C TYR C 432 -17.95 5.81 -12.65
N PRO C 433 -17.64 6.74 -11.70
CA PRO C 433 -18.64 7.07 -10.66
C PRO C 433 -19.95 7.55 -11.29
N SER C 434 -19.85 8.35 -12.35
CA SER C 434 -21.02 8.87 -13.05
C SER C 434 -21.83 7.73 -13.68
N ILE C 435 -21.18 6.69 -14.18
CA ILE C 435 -21.85 5.54 -14.79
C ILE C 435 -22.62 4.74 -13.75
N ILE C 436 -21.98 4.51 -12.57
CA ILE C 436 -22.57 3.80 -11.43
C ILE C 436 -23.84 4.51 -10.96
N ILE C 437 -23.80 5.87 -10.89
CA ILE C 437 -24.92 6.68 -10.41
C ILE C 437 -26.09 6.67 -11.41
N THR C 438 -25.87 7.04 -12.68
CA THR C 438 -26.91 7.16 -13.70
C THR C 438 -27.57 5.81 -13.99
N HIS C 439 -26.81 4.72 -13.95
CA HIS C 439 -27.40 3.40 -14.21
C HIS C 439 -27.76 2.65 -12.93
N ASN C 440 -27.58 3.30 -11.72
CA ASN C 440 -28.00 2.75 -10.42
C ASN C 440 -27.40 1.33 -10.22
N VAL C 441 -26.11 1.20 -10.53
CA VAL C 441 -25.34 -0.03 -10.49
C VAL C 441 -24.97 -0.34 -9.04
N SER C 442 -25.61 -1.38 -8.52
CA SER C 442 -25.43 -1.77 -7.12
C SER C 442 -25.81 -3.20 -6.88
N PRO C 443 -25.18 -3.93 -5.94
CA PRO C 443 -25.57 -5.34 -5.71
C PRO C 443 -27.03 -5.48 -5.27
N ASP C 444 -27.55 -4.45 -4.59
CA ASP C 444 -28.93 -4.39 -4.10
C ASP C 444 -29.93 -4.07 -5.20
N THR C 445 -29.50 -3.65 -6.41
CA THR C 445 -30.44 -3.37 -7.50
C THR C 445 -30.31 -4.40 -8.64
N LEU C 446 -29.27 -5.26 -8.57
CA LEU C 446 -29.02 -6.30 -9.58
C LEU C 446 -30.13 -7.37 -9.57
N ASN C 447 -30.68 -7.65 -10.78
CA ASN C 447 -31.71 -8.65 -11.11
C ASN C 447 -32.74 -8.82 -10.00
N ARG C 448 -33.38 -7.70 -9.62
CA ARG C 448 -34.44 -7.65 -8.62
C ARG C 448 -35.71 -8.27 -9.14
N GLU C 449 -36.37 -9.08 -8.31
CA GLU C 449 -37.67 -9.63 -8.66
C GLU C 449 -38.72 -8.53 -8.53
N ASN C 450 -39.76 -8.59 -9.38
CA ASN C 450 -40.92 -7.69 -9.44
C ASN C 450 -40.52 -6.21 -9.58
N CYS C 451 -39.48 -6.01 -10.36
CA CYS C 451 -38.94 -4.71 -10.71
C CYS C 451 -39.83 -4.07 -11.80
N LYS C 452 -40.18 -2.78 -11.66
CA LYS C 452 -41.05 -2.08 -12.61
C LYS C 452 -40.27 -1.55 -13.83
N GLU C 453 -39.13 -0.92 -13.59
CA GLU C 453 -38.27 -0.35 -14.63
C GLU C 453 -36.82 -0.72 -14.34
N TYR C 454 -36.07 -1.11 -15.37
CA TYR C 454 -34.67 -1.46 -15.15
C TYR C 454 -33.75 -0.98 -16.27
N ASP C 455 -32.44 -0.84 -15.94
CA ASP C 455 -31.40 -0.55 -16.90
C ASP C 455 -30.71 -1.87 -17.20
N VAL C 456 -30.48 -2.13 -18.48
CA VAL C 456 -29.85 -3.35 -19.00
C VAL C 456 -28.46 -2.94 -19.46
N ALA C 457 -27.43 -3.65 -18.98
CA ALA C 457 -26.06 -3.37 -19.40
C ALA C 457 -25.83 -3.85 -20.85
N PRO C 458 -25.15 -3.05 -21.73
CA PRO C 458 -24.89 -3.54 -23.11
C PRO C 458 -24.05 -4.83 -23.09
N GLN C 459 -24.29 -5.78 -24.06
CA GLN C 459 -23.55 -7.05 -24.26
C GLN C 459 -23.71 -8.09 -23.12
N VAL C 460 -23.47 -7.65 -21.87
CA VAL C 460 -23.51 -8.48 -20.65
C VAL C 460 -24.95 -8.77 -20.22
N GLY C 461 -25.85 -7.81 -20.40
CA GLY C 461 -27.28 -7.96 -20.14
C GLY C 461 -27.80 -7.86 -18.71
N HIS C 462 -26.94 -7.47 -17.74
CA HIS C 462 -27.35 -7.37 -16.34
C HIS C 462 -28.37 -6.29 -16.13
N ARG C 463 -29.39 -6.61 -15.34
CA ARG C 463 -30.50 -5.71 -15.09
C ARG C 463 -30.35 -5.05 -13.76
N PHE C 464 -30.46 -3.69 -13.73
CA PHE C 464 -30.39 -2.94 -12.49
C PHE C 464 -31.67 -2.17 -12.31
N CYS C 465 -32.39 -2.54 -11.25
CA CYS C 465 -33.65 -1.91 -10.87
C CYS C 465 -33.53 -0.40 -10.66
N LYS C 466 -34.47 0.35 -11.25
CA LYS C 466 -34.61 1.82 -11.21
C LYS C 466 -35.58 2.27 -10.10
N ASP C 467 -36.31 1.32 -9.47
CA ASP C 467 -37.36 1.60 -8.47
C ASP C 467 -36.89 2.29 -7.17
N PHE C 468 -35.66 2.06 -6.74
CA PHE C 468 -35.10 2.71 -5.56
C PHE C 468 -33.63 3.03 -5.83
N PRO C 469 -33.03 4.12 -5.29
CA PRO C 469 -31.59 4.33 -5.54
C PRO C 469 -30.80 3.27 -4.78
N GLY C 470 -29.84 2.64 -5.46
CA GLY C 470 -28.99 1.62 -4.86
C GLY C 470 -28.14 2.21 -3.74
N PHE C 471 -27.68 1.37 -2.80
CA PHE C 471 -26.87 1.85 -1.67
C PHE C 471 -25.59 2.61 -2.17
N ILE C 472 -24.75 1.96 -3.01
CA ILE C 472 -23.51 2.55 -3.57
C ILE C 472 -23.83 3.78 -4.45
N PRO C 473 -24.70 3.71 -5.51
CA PRO C 473 -25.00 4.91 -6.32
C PRO C 473 -25.44 6.11 -5.50
N SER C 474 -26.22 5.87 -4.44
CA SER C 474 -26.74 6.89 -3.53
C SER C 474 -25.58 7.62 -2.81
N LEU C 475 -24.60 6.85 -2.34
CA LEU C 475 -23.44 7.38 -1.62
C LEU C 475 -22.52 8.19 -2.51
N LEU C 476 -22.32 7.68 -3.73
CA LEU C 476 -21.47 8.26 -4.75
C LEU C 476 -21.97 9.62 -5.21
N GLY C 477 -23.30 9.74 -5.38
CA GLY C 477 -23.96 10.97 -5.77
C GLY C 477 -23.75 12.06 -4.74
N ASN C 478 -23.81 11.70 -3.45
CA ASN C 478 -23.56 12.59 -2.31
C ASN C 478 -22.09 13.00 -2.32
N LEU C 479 -21.17 12.04 -2.53
CA LEU C 479 -19.73 12.31 -2.66
C LEU C 479 -19.43 13.33 -3.77
N LEU C 480 -19.98 13.10 -4.99
CA LEU C 480 -19.75 13.97 -6.15
C LEU C 480 -20.35 15.37 -5.94
N GLU C 481 -21.56 15.46 -5.38
CA GLU C 481 -22.21 16.74 -5.06
C GLU C 481 -21.36 17.52 -4.05
N GLU C 482 -20.85 16.83 -3.00
CA GLU C 482 -20.01 17.43 -1.95
C GLU C 482 -18.71 18.01 -2.53
N ARG C 483 -18.12 17.35 -3.54
CA ARG C 483 -16.93 17.81 -4.24
C ARG C 483 -17.23 19.09 -5.05
N GLN C 484 -18.40 19.15 -5.76
CA GLN C 484 -18.81 20.32 -6.55
C GLN C 484 -19.00 21.54 -5.65
N LYS C 485 -19.53 21.33 -4.43
CA LYS C 485 -19.73 22.40 -3.45
C LYS C 485 -18.41 22.92 -2.93
N ILE C 486 -17.44 22.02 -2.68
CA ILE C 486 -16.09 22.39 -2.22
C ILE C 486 -15.44 23.25 -3.31
N LYS C 487 -15.49 22.78 -4.59
CA LYS C 487 -14.94 23.47 -5.76
C LYS C 487 -15.55 24.87 -5.95
N LYS C 488 -16.87 25.00 -5.71
CA LYS C 488 -17.58 26.29 -5.79
C LYS C 488 -17.14 27.20 -4.64
N ARG C 489 -16.90 26.64 -3.45
CA ARG C 489 -16.44 27.42 -2.31
C ARG C 489 -14.99 27.92 -2.56
N MET C 490 -14.19 27.15 -3.32
CA MET C 490 -12.80 27.49 -3.65
C MET C 490 -12.72 28.72 -4.55
N LYS C 491 -13.60 28.82 -5.58
CA LYS C 491 -13.65 29.97 -6.49
C LYS C 491 -14.08 31.26 -5.74
N GLU C 492 -15.09 31.14 -4.85
CA GLU C 492 -15.64 32.26 -4.07
C GLU C 492 -14.87 32.53 -2.74
N SER C 493 -13.69 31.92 -2.53
CA SER C 493 -12.89 32.15 -1.31
C SER C 493 -11.69 33.07 -1.57
N LYS C 494 -11.56 34.12 -0.72
CA LYS C 494 -10.45 35.08 -0.79
C LYS C 494 -9.34 34.73 0.22
N ASP C 495 -9.53 33.65 1.03
CA ASP C 495 -8.59 33.16 2.06
C ASP C 495 -7.70 32.01 1.51
N PRO C 496 -6.37 32.24 1.35
CA PRO C 496 -5.50 31.18 0.79
C PRO C 496 -5.31 29.94 1.69
N VAL C 497 -5.59 30.07 3.01
CA VAL C 497 -5.46 29.00 3.99
C VAL C 497 -6.59 27.97 3.81
N GLU C 498 -7.86 28.43 3.73
CA GLU C 498 -8.99 27.50 3.57
C GLU C 498 -9.00 26.89 2.16
N LYS C 499 -8.53 27.64 1.13
CA LYS C 499 -8.43 27.18 -0.26
C LYS C 499 -7.50 25.95 -0.34
N LYS C 500 -6.42 25.95 0.45
CA LYS C 500 -5.44 24.87 0.56
C LYS C 500 -6.09 23.63 1.18
N LEU C 501 -6.82 23.83 2.29
CA LEU C 501 -7.51 22.78 3.03
C LEU C 501 -8.62 22.17 2.17
N LEU C 502 -9.46 23.03 1.54
CA LEU C 502 -10.54 22.58 0.64
C LEU C 502 -10.00 21.85 -0.57
N ASP C 503 -8.77 22.20 -1.04
CA ASP C 503 -8.19 21.54 -2.19
C ASP C 503 -7.86 20.06 -1.86
N TYR C 504 -7.33 19.79 -0.64
CA TYR C 504 -7.04 18.43 -0.15
C TYR C 504 -8.31 17.64 0.02
N ARG C 505 -9.39 18.31 0.37
CA ARG C 505 -10.70 17.73 0.61
C ARG C 505 -11.37 17.26 -0.65
N GLN C 506 -11.35 18.06 -1.72
CA GLN C 506 -11.97 17.70 -2.98
C GLN C 506 -11.14 16.61 -3.65
N ARG C 507 -9.80 16.62 -3.45
CA ARG C 507 -8.89 15.59 -3.97
C ARG C 507 -9.17 14.24 -3.28
N ALA C 508 -9.32 14.25 -1.93
CA ALA C 508 -9.65 13.06 -1.12
C ALA C 508 -10.98 12.43 -1.61
N ILE C 509 -11.97 13.27 -1.97
CA ILE C 509 -13.26 12.78 -2.51
C ILE C 509 -13.06 12.11 -3.87
N LYS C 510 -12.29 12.76 -4.76
CA LYS C 510 -11.95 12.23 -6.09
C LYS C 510 -11.27 10.84 -5.94
N ILE C 511 -10.31 10.71 -5.02
CA ILE C 511 -9.60 9.44 -4.78
C ILE C 511 -10.59 8.35 -4.32
N LEU C 512 -11.48 8.67 -3.36
CA LEU C 512 -12.46 7.70 -2.85
C LEU C 512 -13.51 7.34 -3.94
N ALA C 513 -14.09 8.33 -4.64
CA ALA C 513 -15.10 8.07 -5.68
C ALA C 513 -14.52 7.20 -6.81
N ASN C 514 -13.27 7.46 -7.22
CA ASN C 514 -12.62 6.73 -8.30
C ASN C 514 -12.13 5.35 -7.89
N SER C 515 -12.32 4.95 -6.63
CA SER C 515 -11.92 3.61 -6.13
C SER C 515 -13.09 2.61 -6.15
N TYR C 516 -14.34 3.08 -6.32
CA TYR C 516 -15.56 2.24 -6.29
C TYR C 516 -15.64 1.21 -7.43
N TYR C 517 -15.24 1.62 -8.65
CA TYR C 517 -15.23 0.75 -9.82
C TYR C 517 -14.38 -0.51 -9.52
N GLY C 518 -13.16 -0.29 -9.05
CA GLY C 518 -12.24 -1.37 -8.70
C GLY C 518 -12.70 -2.18 -7.51
N TYR C 519 -13.42 -1.53 -6.57
CA TYR C 519 -13.94 -2.17 -5.36
C TYR C 519 -14.98 -3.25 -5.69
N TYR C 520 -15.92 -2.97 -6.63
CA TYR C 520 -16.92 -4.00 -7.00
C TYR C 520 -16.28 -5.35 -7.37
N GLY C 521 -15.07 -5.32 -7.91
CA GLY C 521 -14.32 -6.50 -8.34
C GLY C 521 -13.28 -7.03 -7.38
N TYR C 522 -13.06 -6.34 -6.24
CA TYR C 522 -12.11 -6.73 -5.19
C TYR C 522 -12.66 -7.98 -4.44
N ALA C 523 -12.01 -9.13 -4.64
CA ALA C 523 -12.37 -10.45 -4.11
C ALA C 523 -12.59 -10.51 -2.58
N LYS C 524 -11.95 -9.62 -1.79
CA LYS C 524 -12.15 -9.57 -0.33
C LYS C 524 -13.30 -8.64 0.10
N ALA C 525 -13.91 -7.89 -0.85
CA ALA C 525 -14.99 -6.93 -0.58
C ALA C 525 -16.28 -7.58 -0.06
N ARG C 526 -16.92 -6.89 0.91
CA ARG C 526 -18.23 -7.22 1.48
C ARG C 526 -19.30 -6.95 0.43
N TRP C 527 -19.24 -5.76 -0.22
CA TRP C 527 -20.22 -5.36 -1.26
C TRP C 527 -19.69 -5.70 -2.65
N TYR C 528 -18.92 -6.81 -2.74
CA TYR C 528 -18.39 -7.37 -3.98
C TYR C 528 -19.54 -7.65 -4.92
N CYS C 529 -19.34 -7.38 -6.21
CA CYS C 529 -20.37 -7.60 -7.22
C CYS C 529 -19.71 -7.63 -8.59
N LYS C 530 -19.47 -8.85 -9.07
CA LYS C 530 -18.88 -9.14 -10.38
C LYS C 530 -19.75 -8.52 -11.51
N GLU C 531 -21.08 -8.75 -11.49
CA GLU C 531 -22.01 -8.25 -12.51
C GLU C 531 -22.01 -6.70 -12.56
N CYS C 532 -21.89 -6.03 -11.37
CA CYS C 532 -21.75 -4.58 -11.21
C CYS C 532 -20.48 -4.08 -11.93
N ALA C 533 -19.34 -4.77 -11.73
CA ALA C 533 -18.06 -4.37 -12.33
C ALA C 533 -18.10 -4.51 -13.88
N GLU C 534 -18.68 -5.63 -14.39
CA GLU C 534 -18.80 -5.87 -15.84
C GLU C 534 -19.75 -4.85 -16.51
N SER C 535 -20.86 -4.53 -15.84
CA SER C 535 -21.86 -3.59 -16.33
C SER C 535 -21.24 -2.21 -16.48
N VAL C 536 -20.46 -1.78 -15.46
CA VAL C 536 -19.73 -0.50 -15.46
C VAL C 536 -18.69 -0.50 -16.60
N THR C 537 -17.99 -1.63 -16.82
CA THR C 537 -17.05 -1.82 -17.93
C THR C 537 -17.83 -1.70 -19.26
N ALA C 538 -18.99 -2.38 -19.38
CA ALA C 538 -19.77 -2.36 -20.62
C ALA C 538 -20.32 -0.96 -20.95
N TRP C 539 -20.82 -0.21 -19.94
CA TRP C 539 -21.29 1.15 -20.18
C TRP C 539 -20.11 2.11 -20.40
N GLY C 540 -19.02 1.92 -19.66
CA GLY C 540 -17.81 2.74 -19.80
C GLY C 540 -17.23 2.72 -21.21
N ARG C 541 -17.14 1.51 -21.80
CA ARG C 541 -16.63 1.18 -23.12
C ARG C 541 -17.25 2.01 -24.26
N GLN C 542 -18.55 2.38 -24.15
CA GLN C 542 -19.24 3.21 -25.14
C GLN C 542 -18.63 4.62 -25.20
N TYR C 543 -18.14 5.13 -24.06
CA TYR C 543 -17.48 6.42 -23.99
C TYR C 543 -16.02 6.30 -24.44
N ILE C 544 -15.38 5.14 -24.12
CA ILE C 544 -14.01 4.85 -24.53
C ILE C 544 -13.93 4.74 -26.07
N ASP C 545 -14.93 4.06 -26.70
CA ASP C 545 -15.01 3.92 -28.16
C ASP C 545 -15.27 5.26 -28.84
N LEU C 546 -15.96 6.18 -28.15
CA LEU C 546 -16.23 7.54 -28.63
C LEU C 546 -14.96 8.38 -28.65
N VAL C 547 -14.21 8.37 -27.52
CA VAL C 547 -12.93 9.04 -27.36
C VAL C 547 -11.97 8.54 -28.45
N ARG C 548 -11.84 7.20 -28.57
CA ARG C 548 -10.97 6.54 -29.54
C ARG C 548 -11.29 7.02 -30.97
N ARG C 549 -12.60 6.99 -31.36
CA ARG C 549 -13.06 7.43 -32.68
C ARG C 549 -12.80 8.92 -32.93
N GLU C 550 -13.03 9.78 -31.92
CA GLU C 550 -12.86 11.22 -32.07
C GLU C 550 -11.39 11.57 -32.18
N LEU C 551 -10.52 10.80 -31.45
CA LEU C 551 -9.07 10.95 -31.56
C LEU C 551 -8.60 10.52 -32.94
N GLU C 552 -9.08 9.36 -33.42
CA GLU C 552 -8.66 8.83 -34.75
C GLU C 552 -9.06 9.73 -35.91
N SER C 553 -10.19 10.46 -35.81
CA SER C 553 -10.61 11.38 -36.88
C SER C 553 -9.77 12.68 -36.83
N ARG C 554 -9.07 12.92 -35.70
CA ARG C 554 -8.23 14.09 -35.50
C ARG C 554 -6.76 13.85 -35.95
N GLY C 555 -6.46 12.61 -36.37
CA GLY C 555 -5.16 12.21 -36.87
C GLY C 555 -4.34 11.45 -35.85
N PHE C 556 -4.89 11.29 -34.64
CA PHE C 556 -4.20 10.57 -33.59
C PHE C 556 -4.24 9.06 -33.83
N LYS C 557 -3.17 8.40 -33.41
CA LYS C 557 -3.02 6.96 -33.42
C LYS C 557 -3.09 6.51 -31.97
N VAL C 558 -4.01 5.59 -31.64
CA VAL C 558 -4.13 5.08 -30.29
C VAL C 558 -3.15 3.87 -30.17
N LEU C 559 -2.24 3.94 -29.19
CA LEU C 559 -1.19 2.93 -29.05
C LEU C 559 -1.48 1.92 -27.99
N TYR C 560 -2.20 2.35 -26.96
CA TYR C 560 -2.53 1.57 -25.79
C TYR C 560 -3.84 2.05 -25.21
N ILE C 561 -4.74 1.13 -24.83
CA ILE C 561 -6.01 1.44 -24.16
C ILE C 561 -6.22 0.45 -23.05
N ASP C 562 -6.50 0.97 -21.86
CA ASP C 562 -6.85 0.25 -20.63
C ASP C 562 -8.18 0.84 -20.15
N THR C 563 -8.87 0.18 -19.19
CA THR C 563 -10.10 0.77 -18.61
C THR C 563 -9.74 2.09 -17.86
N ASP C 564 -8.44 2.27 -17.54
CA ASP C 564 -7.91 3.42 -16.82
C ASP C 564 -7.59 4.63 -17.68
N GLY C 565 -7.19 4.39 -18.91
CA GLY C 565 -6.82 5.47 -19.81
C GLY C 565 -6.24 4.98 -21.11
N LEU C 566 -5.57 5.89 -21.83
CA LEU C 566 -4.95 5.59 -23.11
C LEU C 566 -3.71 6.43 -23.38
N TYR C 567 -2.93 6.00 -24.37
CA TYR C 567 -1.75 6.65 -24.89
C TYR C 567 -1.94 6.81 -26.37
N ALA C 568 -1.65 7.99 -26.88
CA ALA C 568 -1.79 8.30 -28.30
C ALA C 568 -0.73 9.26 -28.76
N THR C 569 -0.50 9.28 -30.06
CA THR C 569 0.39 10.20 -30.73
C THR C 569 -0.21 10.58 -32.07
N ILE C 570 0.41 11.56 -32.75
CA ILE C 570 0.08 11.94 -34.12
C ILE C 570 1.34 11.58 -34.86
N PRO C 571 1.36 10.39 -35.53
CA PRO C 571 2.60 9.95 -36.21
C PRO C 571 3.24 11.04 -37.08
N GLY C 572 4.55 11.26 -36.87
CA GLY C 572 5.33 12.25 -37.57
C GLY C 572 5.04 13.72 -37.27
N ALA C 573 4.29 14.02 -36.18
CA ALA C 573 3.99 15.41 -35.84
C ALA C 573 4.96 16.01 -34.80
N LYS C 574 5.04 17.36 -34.79
CA LYS C 574 5.84 18.14 -33.84
C LYS C 574 5.21 18.02 -32.43
N HIS C 575 6.05 17.95 -31.38
CA HIS C 575 5.61 17.73 -30.00
C HIS C 575 4.63 18.80 -29.48
N GLU C 576 4.87 20.09 -29.77
CA GLU C 576 3.99 21.17 -29.33
C GLU C 576 2.62 21.08 -30.01
N GLU C 577 2.59 20.58 -31.26
CA GLU C 577 1.37 20.38 -32.04
C GLU C 577 0.54 19.23 -31.43
N ILE C 578 1.21 18.11 -31.02
CA ILE C 578 0.55 16.97 -30.40
C ILE C 578 -0.09 17.45 -29.10
N LYS C 579 0.67 18.18 -28.25
CA LYS C 579 0.21 18.74 -26.97
C LYS C 579 -1.00 19.65 -27.17
N GLU C 580 -0.85 20.68 -28.03
CA GLU C 580 -1.87 21.68 -28.34
C GLU C 580 -3.17 21.01 -28.79
N LYS C 581 -3.07 20.04 -29.74
CA LYS C 581 -4.24 19.33 -30.27
C LYS C 581 -4.90 18.46 -29.20
N ALA C 582 -4.09 17.83 -28.33
CA ALA C 582 -4.56 16.96 -27.23
C ALA C 582 -5.31 17.78 -26.17
N LEU C 583 -4.74 18.94 -25.76
CA LEU C 583 -5.32 19.86 -24.78
C LEU C 583 -6.65 20.43 -25.31
N LYS C 584 -6.72 20.70 -26.62
CA LYS C 584 -7.91 21.17 -27.36
C LYS C 584 -8.92 20.04 -27.38
N PHE C 585 -8.44 18.80 -27.62
CA PHE C 585 -9.28 17.61 -27.70
C PHE C 585 -10.04 17.32 -26.38
N VAL C 586 -9.36 17.38 -25.21
CA VAL C 586 -9.96 17.13 -23.89
C VAL C 586 -11.02 18.21 -23.60
N GLU C 587 -10.68 19.48 -23.85
CA GLU C 587 -11.55 20.64 -23.71
C GLU C 587 -12.82 20.41 -24.54
N TYR C 588 -12.68 19.86 -25.77
CA TYR C 588 -13.80 19.61 -26.68
C TYR C 588 -14.69 18.45 -26.21
N ILE C 589 -14.11 17.27 -25.92
CA ILE C 589 -14.86 16.07 -25.51
C ILE C 589 -15.65 16.31 -24.21
N ASN C 590 -15.02 16.93 -23.19
CA ASN C 590 -15.65 17.25 -21.91
C ASN C 590 -16.90 18.13 -22.08
N SER C 591 -16.91 19.01 -23.09
CA SER C 591 -18.01 19.90 -23.45
C SER C 591 -19.12 19.13 -24.16
N LYS C 592 -18.81 17.95 -24.72
CA LYS C 592 -19.81 17.12 -25.40
C LYS C 592 -20.41 16.08 -24.43
N LEU C 593 -19.59 15.52 -23.52
CA LEU C 593 -19.97 14.49 -22.56
C LEU C 593 -20.85 15.06 -21.44
N PRO C 594 -22.06 14.47 -21.20
CA PRO C 594 -22.97 15.03 -20.17
C PRO C 594 -22.52 14.87 -18.72
N GLY C 595 -23.03 15.75 -17.87
CA GLY C 595 -22.76 15.75 -16.44
C GLY C 595 -21.30 15.83 -16.02
N LEU C 596 -20.95 15.00 -15.02
CA LEU C 596 -19.64 14.91 -14.39
C LEU C 596 -18.72 13.85 -15.06
N LEU C 597 -19.06 13.41 -16.30
CA LEU C 597 -18.24 12.49 -17.09
C LEU C 597 -17.02 13.31 -17.56
N GLU C 598 -15.79 12.91 -17.17
CA GLU C 598 -14.65 13.76 -17.46
C GLU C 598 -13.38 13.03 -17.89
N LEU C 599 -12.81 13.55 -19.00
CA LEU C 599 -11.56 13.10 -19.56
C LEU C 599 -10.44 13.96 -18.99
N GLU C 600 -9.31 13.35 -18.70
CA GLU C 600 -8.24 14.11 -18.10
C GLU C 600 -6.94 13.90 -18.86
N TYR C 601 -6.25 15.01 -19.19
CA TYR C 601 -4.93 15.03 -19.81
C TYR C 601 -3.95 14.74 -18.70
N GLU C 602 -3.37 13.54 -18.68
CA GLU C 602 -2.43 13.16 -17.63
C GLU C 602 -1.02 13.69 -17.91
N GLY C 603 -0.55 13.57 -19.14
CA GLY C 603 0.80 14.04 -19.45
C GLY C 603 1.31 13.76 -20.84
N PHE C 604 2.60 14.06 -21.03
CA PHE C 604 3.30 13.93 -22.30
C PHE C 604 4.64 13.23 -22.10
N TYR C 605 5.02 12.38 -23.07
CA TYR C 605 6.26 11.59 -23.06
C TYR C 605 6.96 11.70 -24.40
N ALA C 606 8.30 11.85 -24.33
CA ALA C 606 9.15 11.99 -25.52
C ALA C 606 9.17 10.68 -26.31
N ARG C 607 9.20 9.53 -25.60
CA ARG C 607 9.22 8.18 -26.18
C ARG C 607 8.50 7.18 -25.29
N GLY C 608 8.20 6.02 -25.85
CA GLY C 608 7.54 4.95 -25.14
C GLY C 608 7.25 3.74 -25.99
N PHE C 609 7.10 2.61 -25.33
CA PHE C 609 6.75 1.32 -25.93
C PHE C 609 5.78 0.60 -24.96
N PHE C 610 4.95 -0.31 -25.49
CA PHE C 610 3.92 -1.02 -24.73
C PHE C 610 3.99 -2.52 -25.00
N VAL C 611 4.00 -3.36 -23.94
CA VAL C 611 4.12 -4.81 -24.08
C VAL C 611 2.74 -5.50 -24.09
N THR C 612 1.97 -5.37 -23.01
CA THR C 612 0.60 -5.87 -22.82
C THR C 612 -0.06 -4.91 -21.83
N LYS C 613 -1.24 -5.27 -21.32
CA LYS C 613 -1.98 -4.52 -20.31
C LYS C 613 -1.10 -4.30 -19.08
N LYS C 614 -0.91 -3.02 -18.71
CA LYS C 614 -0.16 -2.53 -17.53
C LYS C 614 1.31 -3.00 -17.51
N LYS C 615 1.90 -3.21 -18.70
CA LYS C 615 3.30 -3.58 -18.96
C LYS C 615 3.77 -2.67 -20.07
N TYR C 616 4.38 -1.55 -19.69
CA TYR C 616 4.85 -0.55 -20.65
C TYR C 616 5.96 0.30 -20.03
N ALA C 617 6.64 1.08 -20.85
CA ALA C 617 7.73 1.96 -20.40
C ALA C 617 7.74 3.19 -21.25
N LEU C 618 7.89 4.34 -20.59
CA LEU C 618 7.92 5.64 -21.24
C LEU C 618 9.08 6.48 -20.72
N ILE C 619 9.39 7.57 -21.44
CA ILE C 619 10.40 8.53 -20.99
C ILE C 619 9.83 9.96 -21.20
N ASP C 620 9.94 10.83 -20.20
CA ASP C 620 9.39 12.18 -20.35
C ASP C 620 10.45 13.12 -21.01
N GLU C 621 10.10 14.40 -21.26
CA GLU C 621 11.00 15.36 -21.90
C GLU C 621 12.18 15.78 -20.99
N GLU C 622 12.12 15.47 -19.68
CA GLU C 622 13.16 15.80 -18.70
C GLU C 622 14.14 14.62 -18.51
N GLY C 623 13.91 13.54 -19.25
CA GLY C 623 14.73 12.33 -19.21
C GLY C 623 14.36 11.28 -18.19
N LYS C 624 13.22 11.42 -17.50
CA LYS C 624 12.79 10.43 -16.49
C LYS C 624 12.03 9.26 -17.13
N ILE C 625 12.47 8.04 -16.81
CA ILE C 625 11.87 6.81 -17.27
C ILE C 625 10.79 6.36 -16.27
N VAL C 626 9.57 6.13 -16.80
CA VAL C 626 8.41 5.69 -16.05
C VAL C 626 7.95 4.36 -16.66
N THR C 627 7.89 3.31 -15.83
CA THR C 627 7.50 1.98 -16.29
C THR C 627 6.41 1.42 -15.41
N ARG C 628 5.70 0.42 -15.94
CA ARG C 628 4.68 -0.32 -15.19
C ARG C 628 4.85 -1.80 -15.53
N GLY C 629 4.91 -2.64 -14.50
CA GLY C 629 4.96 -4.10 -14.58
C GLY C 629 6.08 -4.74 -15.39
N LEU C 630 7.26 -4.12 -15.41
CA LEU C 630 8.41 -4.61 -16.16
C LEU C 630 9.72 -4.69 -15.33
N GLU C 631 10.03 -3.65 -14.55
CA GLU C 631 11.28 -3.53 -13.80
C GLU C 631 11.37 -4.54 -12.63
N ILE C 632 12.59 -5.08 -12.43
CA ILE C 632 12.88 -6.13 -11.44
C ILE C 632 13.86 -5.64 -10.37
N VAL C 633 13.71 -4.38 -9.90
CA VAL C 633 14.67 -3.83 -8.94
C VAL C 633 14.37 -4.40 -7.53
N ARG C 634 14.83 -5.63 -7.30
CA ARG C 634 14.62 -6.33 -6.03
C ARG C 634 15.83 -7.19 -5.69
N ARG C 635 16.05 -7.45 -4.38
CA ARG C 635 17.28 -8.13 -3.93
C ARG C 635 17.31 -9.62 -4.32
N ASP C 636 16.16 -10.21 -4.68
CA ASP C 636 16.11 -11.61 -5.04
C ASP C 636 16.41 -11.83 -6.55
N TRP C 637 16.82 -10.76 -7.28
CA TRP C 637 17.29 -10.82 -8.67
C TRP C 637 18.76 -10.39 -8.65
N SER C 638 19.63 -11.08 -9.40
CA SER C 638 21.06 -10.73 -9.43
C SER C 638 21.31 -9.37 -10.09
N GLU C 639 22.42 -8.72 -9.74
CA GLU C 639 22.84 -7.45 -10.31
C GLU C 639 22.99 -7.54 -11.83
N ILE C 640 23.56 -8.64 -12.37
CA ILE C 640 23.72 -8.85 -13.81
C ILE C 640 22.38 -8.73 -14.58
N ALA C 641 21.28 -9.27 -14.02
CA ALA C 641 19.95 -9.19 -14.62
C ALA C 641 19.36 -7.77 -14.54
N LYS C 642 19.57 -7.09 -13.40
CA LYS C 642 19.07 -5.76 -13.11
C LYS C 642 19.83 -4.73 -13.93
N GLU C 643 21.17 -4.89 -14.00
CA GLU C 643 22.07 -4.06 -14.80
C GLU C 643 21.72 -4.21 -16.30
N THR C 644 21.60 -5.45 -16.79
CA THR C 644 21.24 -5.68 -18.19
C THR C 644 19.85 -5.05 -18.51
N GLN C 645 18.87 -5.23 -17.59
CA GLN C 645 17.53 -4.68 -17.81
C GLN C 645 17.57 -3.12 -17.91
N ALA C 646 18.23 -2.44 -16.96
CA ALA C 646 18.36 -0.98 -16.95
C ALA C 646 19.03 -0.49 -18.26
N LYS C 647 20.10 -1.19 -18.71
CA LYS C 647 20.84 -0.90 -19.95
C LYS C 647 19.95 -1.07 -21.20
N VAL C 648 19.12 -2.12 -21.24
CA VAL C 648 18.18 -2.37 -22.35
C VAL C 648 17.14 -1.22 -22.41
N LEU C 649 16.56 -0.83 -21.25
CA LEU C 649 15.59 0.26 -21.16
C LEU C 649 16.22 1.60 -21.55
N GLU C 650 17.48 1.84 -21.17
CA GLU C 650 18.19 3.06 -21.53
C GLU C 650 18.48 3.12 -23.03
N ALA C 651 18.93 2.01 -23.61
CA ALA C 651 19.19 1.91 -25.05
C ALA C 651 17.92 2.21 -25.83
N ILE C 652 16.79 1.69 -25.36
CA ILE C 652 15.52 1.94 -26.05
C ILE C 652 14.97 3.38 -25.84
N LEU C 653 14.84 3.79 -24.58
CA LEU C 653 14.21 5.06 -24.25
C LEU C 653 15.11 6.29 -24.35
N LYS C 654 16.38 6.20 -23.95
CA LYS C 654 17.27 7.36 -24.01
C LYS C 654 17.97 7.46 -25.37
N HIS C 655 18.31 6.32 -25.98
CA HIS C 655 19.01 6.26 -27.26
C HIS C 655 18.09 5.97 -28.46
N GLY C 656 16.83 5.56 -28.20
CA GLY C 656 15.86 5.26 -29.24
C GLY C 656 16.32 4.12 -30.13
N ASN C 657 17.14 3.20 -29.55
CA ASN C 657 17.86 2.15 -30.23
C ASN C 657 17.61 0.72 -29.68
N VAL C 658 16.73 -0.05 -30.34
CA VAL C 658 16.38 -1.43 -29.94
C VAL C 658 17.47 -2.40 -30.40
N ASP C 659 18.16 -2.07 -31.49
CA ASP C 659 19.25 -2.88 -32.01
C ASP C 659 20.40 -2.83 -31.02
N GLU C 660 20.67 -1.65 -30.40
CA GLU C 660 21.69 -1.53 -29.32
C GLU C 660 21.33 -2.41 -28.11
N ALA C 661 20.04 -2.43 -27.72
CA ALA C 661 19.54 -3.22 -26.59
C ALA C 661 19.71 -4.73 -26.84
N VAL C 662 19.37 -5.21 -28.04
CA VAL C 662 19.54 -6.62 -28.45
C VAL C 662 21.04 -7.02 -28.38
N LYS C 663 21.94 -6.13 -28.86
CA LYS C 663 23.38 -6.36 -28.84
C LYS C 663 23.90 -6.41 -27.39
N ILE C 664 23.33 -5.60 -26.50
CA ILE C 664 23.67 -5.58 -25.07
C ILE C 664 23.42 -6.99 -24.46
N VAL C 665 22.25 -7.60 -24.75
CA VAL C 665 21.85 -8.90 -24.20
C VAL C 665 22.76 -10.02 -24.74
N LYS C 666 23.03 -10.01 -26.08
CA LYS C 666 23.88 -10.98 -26.75
C LYS C 666 25.30 -10.96 -26.18
N GLU C 667 25.83 -9.76 -25.86
CA GLU C 667 27.17 -9.57 -25.29
C GLU C 667 27.23 -10.09 -23.86
N VAL C 668 26.24 -9.74 -23.04
CA VAL C 668 26.15 -10.16 -21.64
C VAL C 668 26.08 -11.72 -21.53
N THR C 669 25.23 -12.39 -22.34
CA THR C 669 25.05 -13.85 -22.31
C THR C 669 26.32 -14.58 -22.74
N GLU C 670 27.04 -14.02 -23.72
CA GLU C 670 28.31 -14.58 -24.20
C GLU C 670 29.34 -14.48 -23.08
N LYS C 671 29.38 -13.33 -22.41
CA LYS C 671 30.27 -13.06 -21.29
C LYS C 671 29.98 -14.01 -20.13
N LEU C 672 28.68 -14.34 -19.88
CA LEU C 672 28.34 -15.30 -18.83
C LEU C 672 28.85 -16.71 -19.23
N SER C 673 28.70 -17.09 -20.53
CA SER C 673 29.16 -18.38 -21.11
C SER C 673 30.66 -18.58 -20.93
N LYS C 674 31.44 -17.48 -21.09
CA LYS C 674 32.91 -17.45 -21.07
C LYS C 674 33.51 -17.11 -19.68
N TYR C 675 32.64 -16.99 -18.64
CA TYR C 675 33.00 -16.75 -17.24
C TYR C 675 33.77 -15.42 -17.13
N GLU C 676 33.21 -14.38 -17.77
CA GLU C 676 33.77 -13.04 -17.83
C GLU C 676 32.98 -12.06 -16.97
N ILE C 677 31.94 -12.55 -16.28
CA ILE C 677 31.13 -11.72 -15.39
C ILE C 677 31.60 -11.93 -13.93
N PRO C 678 31.89 -10.82 -13.19
CA PRO C 678 32.34 -10.96 -11.79
C PRO C 678 31.31 -11.66 -10.89
N PRO C 679 31.74 -12.61 -10.02
CA PRO C 679 30.78 -13.31 -9.13
C PRO C 679 29.90 -12.43 -8.23
N GLU C 680 30.39 -11.22 -7.86
CA GLU C 680 29.60 -10.27 -7.03
C GLU C 680 28.29 -9.83 -7.75
N LYS C 681 28.29 -9.86 -9.09
CA LYS C 681 27.10 -9.48 -9.86
C LYS C 681 26.10 -10.67 -10.01
N LEU C 682 26.42 -11.83 -9.41
CA LEU C 682 25.62 -13.05 -9.51
C LEU C 682 24.94 -13.45 -8.23
N VAL C 683 25.15 -12.70 -7.15
CA VAL C 683 24.56 -12.99 -5.83
C VAL C 683 23.05 -12.74 -5.83
N ILE C 684 22.30 -13.69 -5.24
CA ILE C 684 20.86 -13.61 -5.01
C ILE C 684 20.67 -13.51 -3.51
N TYR C 685 19.76 -12.62 -3.06
CA TYR C 685 19.43 -12.43 -1.65
C TYR C 685 18.00 -12.80 -1.40
N GLU C 686 17.78 -13.68 -0.40
CA GLU C 686 16.42 -14.09 0.02
C GLU C 686 16.39 -14.26 1.50
N GLN C 687 15.37 -13.70 2.12
CA GLN C 687 15.15 -13.75 3.56
C GLN C 687 14.60 -15.10 4.01
N ILE C 688 15.05 -15.55 5.20
CA ILE C 688 14.55 -16.68 6.00
C ILE C 688 13.41 -16.06 6.79
N THR C 689 12.17 -16.57 6.67
CA THR C 689 10.98 -16.00 7.32
C THR C 689 10.46 -16.86 8.45
N ARG C 690 11.03 -18.06 8.66
CA ARG C 690 10.51 -18.97 9.70
C ARG C 690 11.57 -19.95 10.22
N PRO C 691 11.35 -20.71 11.32
CA PRO C 691 12.36 -21.73 11.70
C PRO C 691 12.52 -22.70 10.54
N LEU C 692 13.76 -23.11 10.29
CA LEU C 692 14.14 -23.96 9.15
C LEU C 692 13.31 -25.24 8.99
N SER C 693 12.90 -25.87 10.09
CA SER C 693 12.10 -27.10 10.08
C SER C 693 10.63 -26.84 9.65
N GLU C 694 10.19 -25.57 9.62
CA GLU C 694 8.83 -25.19 9.25
C GLU C 694 8.64 -25.12 7.71
N TYR C 695 9.74 -25.22 6.93
CA TYR C 695 9.64 -25.17 5.47
C TYR C 695 9.09 -26.49 4.87
N LYS C 696 8.19 -26.36 3.89
CA LYS C 696 7.54 -27.46 3.17
C LYS C 696 8.32 -27.72 1.88
N ALA C 697 8.75 -26.63 1.23
CA ALA C 697 9.53 -26.60 0.00
C ALA C 697 10.90 -25.98 0.28
N ILE C 698 11.97 -26.72 0.00
CA ILE C 698 13.32 -26.26 0.28
C ILE C 698 13.92 -25.59 -0.96
N GLY C 699 13.72 -24.27 -1.03
CA GLY C 699 14.29 -23.43 -2.08
C GLY C 699 15.79 -23.25 -1.86
N PRO C 700 16.54 -22.74 -2.89
CA PRO C 700 18.00 -22.58 -2.76
C PRO C 700 18.49 -21.84 -1.50
N HIS C 701 17.82 -20.73 -1.08
CA HIS C 701 18.25 -19.96 0.09
C HIS C 701 18.11 -20.75 1.39
N VAL C 702 17.14 -21.67 1.49
CA VAL C 702 16.84 -22.55 2.64
C VAL C 702 17.84 -23.73 2.68
N ALA C 703 18.19 -24.28 1.51
CA ALA C 703 19.18 -25.35 1.41
C ALA C 703 20.52 -24.82 1.90
N VAL C 704 20.87 -23.57 1.52
CA VAL C 704 22.10 -22.88 1.95
C VAL C 704 22.04 -22.60 3.47
N ALA C 705 20.86 -22.13 3.95
CA ALA C 705 20.62 -21.83 5.37
C ALA C 705 20.73 -23.08 6.26
N LYS C 706 20.21 -24.24 5.81
CA LYS C 706 20.31 -25.50 6.56
C LYS C 706 21.78 -25.92 6.76
N ARG C 707 22.60 -25.77 5.71
CA ARG C 707 24.04 -26.07 5.72
C ARG C 707 24.76 -25.16 6.73
N LEU C 708 24.37 -23.86 6.80
CA LEU C 708 24.94 -22.89 7.74
C LEU C 708 24.57 -23.26 9.19
N ALA C 709 23.29 -23.61 9.43
CA ALA C 709 22.82 -24.03 10.75
C ALA C 709 23.57 -25.29 11.21
N ALA C 710 23.79 -26.26 10.29
CA ALA C 710 24.53 -27.51 10.53
C ALA C 710 25.96 -27.21 10.97
N LYS C 711 26.52 -26.07 10.53
CA LYS C 711 27.88 -25.57 10.87
C LYS C 711 27.91 -24.85 12.23
N GLY C 712 26.74 -24.54 12.81
CA GLY C 712 26.63 -23.81 14.07
C GLY C 712 26.17 -22.38 13.92
N VAL C 713 25.83 -21.96 12.71
CA VAL C 713 25.33 -20.60 12.50
C VAL C 713 23.92 -20.52 13.11
N LYS C 714 23.65 -19.45 13.88
CA LYS C 714 22.35 -19.24 14.52
C LYS C 714 21.40 -18.69 13.47
N VAL C 715 20.74 -19.56 12.70
CA VAL C 715 19.79 -19.12 11.66
C VAL C 715 18.43 -18.76 12.32
N LYS C 716 17.96 -17.53 12.06
CA LYS C 716 16.74 -16.99 12.67
C LYS C 716 15.91 -16.27 11.63
N PRO C 717 14.56 -16.13 11.79
CA PRO C 717 13.79 -15.39 10.79
C PRO C 717 14.28 -13.94 10.72
N GLY C 718 14.35 -13.43 9.52
CA GLY C 718 14.86 -12.08 9.32
C GLY C 718 16.21 -12.10 8.64
N MET C 719 17.02 -13.18 8.87
N MET C 719 17.00 -13.17 8.86
CA MET C 719 18.33 -13.37 8.23
CA MET C 719 18.32 -13.32 8.23
C MET C 719 18.13 -13.43 6.71
C MET C 719 18.16 -13.46 6.71
N VAL C 720 18.94 -12.67 5.98
CA VAL C 720 18.92 -12.59 4.52
C VAL C 720 20.08 -13.42 4.00
N ILE C 721 19.80 -14.41 3.14
CA ILE C 721 20.82 -15.32 2.62
C ILE C 721 21.27 -14.92 1.20
N GLY C 722 22.57 -14.67 1.07
CA GLY C 722 23.23 -14.39 -0.18
C GLY C 722 23.79 -15.69 -0.76
N TYR C 723 23.39 -16.03 -1.99
CA TYR C 723 23.92 -17.25 -2.61
C TYR C 723 24.23 -17.06 -4.11
N ILE C 724 25.04 -17.99 -4.64
CA ILE C 724 25.44 -18.11 -6.03
C ILE C 724 25.13 -19.54 -6.43
N VAL C 725 24.53 -19.69 -7.61
CA VAL C 725 24.12 -20.97 -8.20
C VAL C 725 25.29 -21.52 -8.99
N LEU C 726 25.74 -22.71 -8.61
CA LEU C 726 26.87 -23.35 -9.24
C LEU C 726 26.44 -24.32 -10.32
N ARG C 727 27.39 -24.67 -11.21
CA ARG C 727 27.23 -25.62 -12.31
C ARG C 727 27.05 -27.01 -11.68
N GLY C 728 26.23 -27.85 -12.30
CA GLY C 728 26.00 -29.21 -11.81
C GLY C 728 24.70 -29.82 -12.22
N ASP C 729 24.48 -31.06 -11.75
CA ASP C 729 23.29 -31.84 -12.01
C ASP C 729 22.28 -31.64 -10.87
N GLY C 730 21.00 -31.66 -11.23
CA GLY C 730 19.90 -31.54 -10.29
C GLY C 730 19.21 -30.20 -10.25
N PRO C 731 18.27 -30.02 -9.28
CA PRO C 731 17.58 -28.71 -9.15
C PRO C 731 18.56 -27.70 -8.58
N ILE C 732 18.25 -26.41 -8.71
CA ILE C 732 19.13 -25.31 -8.31
C ILE C 732 19.49 -25.33 -6.82
N SER C 733 18.56 -25.82 -5.96
CA SER C 733 18.72 -25.88 -4.51
C SER C 733 19.93 -26.69 -4.10
N LYS C 734 20.23 -27.77 -4.83
CA LYS C 734 21.35 -28.65 -4.54
C LYS C 734 22.68 -28.06 -5.04
N ARG C 735 22.61 -27.00 -5.86
CA ARG C 735 23.76 -26.38 -6.50
C ARG C 735 24.00 -24.96 -6.04
N ALA C 736 23.27 -24.51 -5.02
CA ALA C 736 23.47 -23.16 -4.52
C ALA C 736 24.49 -23.17 -3.41
N ILE C 737 25.37 -22.14 -3.38
CA ILE C 737 26.42 -21.98 -2.36
C ILE C 737 26.30 -20.62 -1.68
N ALA C 738 26.52 -20.56 -0.35
CA ALA C 738 26.60 -19.35 0.47
C ALA C 738 27.70 -18.46 -0.13
N ILE C 739 27.46 -17.15 -0.30
CA ILE C 739 28.47 -16.25 -0.90
C ILE C 739 29.83 -16.27 -0.19
N GLU C 740 29.84 -16.32 1.16
CA GLU C 740 31.07 -16.33 1.96
C GLU C 740 31.91 -17.61 1.70
N GLU C 741 31.29 -18.69 1.19
CA GLU C 741 31.95 -19.97 0.85
C GLU C 741 32.41 -19.99 -0.60
N PHE C 742 31.89 -19.08 -1.45
CA PHE C 742 32.28 -19.03 -2.85
C PHE C 742 33.79 -18.65 -3.00
N ASP C 743 34.53 -19.51 -3.71
CA ASP C 743 35.94 -19.35 -4.02
C ASP C 743 36.06 -19.35 -5.55
N PRO C 744 36.50 -18.23 -6.18
CA PRO C 744 36.52 -18.18 -7.67
C PRO C 744 37.41 -19.24 -8.32
N LYS C 745 38.46 -19.71 -7.61
CA LYS C 745 39.36 -20.76 -8.11
C LYS C 745 38.64 -22.12 -8.13
N LYS C 746 38.07 -22.53 -6.99
CA LYS C 746 37.38 -23.82 -6.84
C LYS C 746 35.98 -23.87 -7.50
N HIS C 747 35.16 -22.82 -7.36
CA HIS C 747 33.78 -22.89 -7.83
C HIS C 747 33.55 -22.28 -9.21
N LYS C 748 32.60 -22.87 -9.94
CA LYS C 748 32.21 -22.44 -11.27
C LYS C 748 30.72 -22.19 -11.29
N TYR C 749 30.31 -20.93 -11.49
CA TYR C 749 28.90 -20.56 -11.49
C TYR C 749 28.15 -21.22 -12.69
N ASP C 750 26.82 -21.29 -12.60
CA ASP C 750 26.02 -21.88 -13.66
C ASP C 750 25.63 -20.78 -14.66
N ALA C 751 26.36 -20.71 -15.78
CA ALA C 751 26.15 -19.76 -16.88
C ALA C 751 24.75 -19.95 -17.49
N GLU C 752 24.31 -21.21 -17.69
CA GLU C 752 22.98 -21.54 -18.22
C GLU C 752 21.89 -20.99 -17.30
N TYR C 753 22.05 -21.13 -15.97
CA TYR C 753 21.09 -20.57 -15.02
C TYR C 753 21.04 -19.02 -15.12
N TYR C 754 22.22 -18.36 -15.18
CA TYR C 754 22.26 -16.89 -15.22
C TYR C 754 21.75 -16.31 -16.56
N ILE C 755 21.95 -17.04 -17.66
CA ILE C 755 21.43 -16.68 -18.98
C ILE C 755 19.89 -16.89 -19.02
N GLU C 756 19.42 -18.11 -18.73
CA GLU C 756 18.02 -18.51 -18.93
C GLU C 756 17.06 -18.21 -17.81
N ASN C 757 17.54 -18.17 -16.56
CA ASN C 757 16.64 -17.91 -15.44
C ASN C 757 16.83 -16.50 -14.88
N GLN C 758 17.91 -15.81 -15.27
CA GLN C 758 18.08 -14.44 -14.75
C GLN C 758 18.00 -13.39 -15.86
N VAL C 759 19.01 -13.33 -16.73
CA VAL C 759 19.15 -12.30 -17.74
C VAL C 759 18.06 -12.29 -18.80
N LEU C 760 17.73 -13.43 -19.42
CA LEU C 760 16.73 -13.46 -20.50
C LEU C 760 15.32 -13.17 -19.98
N PRO C 761 14.85 -13.75 -18.83
CA PRO C 761 13.53 -13.37 -18.31
C PRO C 761 13.42 -11.87 -17.99
N ALA C 762 14.50 -11.22 -17.49
CA ALA C 762 14.52 -9.80 -17.18
C ALA C 762 14.29 -8.92 -18.45
N VAL C 763 14.72 -9.38 -19.63
CA VAL C 763 14.62 -8.57 -20.85
C VAL C 763 13.63 -9.12 -21.92
N GLU C 764 13.21 -10.39 -21.82
CA GLU C 764 12.37 -11.00 -22.87
C GLU C 764 10.98 -10.32 -23.00
N ARG C 765 10.37 -9.84 -21.89
CA ARG C 765 9.07 -9.16 -21.98
C ARG C 765 9.21 -7.82 -22.71
N ILE C 766 10.24 -7.01 -22.38
CA ILE C 766 10.55 -5.73 -23.02
C ILE C 766 10.77 -5.92 -24.51
N LEU C 767 11.61 -6.89 -24.88
CA LEU C 767 11.99 -7.09 -26.27
C LEU C 767 10.90 -7.65 -27.16
N ARG C 768 9.94 -8.38 -26.57
CA ARG C 768 8.76 -8.94 -27.23
C ARG C 768 7.93 -7.82 -27.91
N ALA C 769 7.98 -6.57 -27.37
CA ALA C 769 7.28 -5.40 -27.93
C ALA C 769 7.88 -4.95 -29.26
N PHE C 770 8.99 -5.59 -29.68
CA PHE C 770 9.76 -5.26 -30.89
C PHE C 770 9.94 -6.50 -31.84
N GLY C 771 9.32 -7.63 -31.50
CA GLY C 771 9.33 -8.83 -32.32
C GLY C 771 10.40 -9.86 -32.05
N TYR C 772 11.07 -9.78 -30.88
CA TYR C 772 12.11 -10.76 -30.55
C TYR C 772 11.58 -11.83 -29.61
N ARG C 773 12.07 -13.07 -29.78
CA ARG C 773 11.78 -14.19 -28.90
C ARG C 773 13.06 -14.43 -28.08
N LYS C 774 12.96 -15.15 -26.94
CA LYS C 774 14.11 -15.49 -26.08
C LYS C 774 15.31 -15.94 -26.91
N GLU C 775 15.06 -16.80 -27.93
CA GLU C 775 16.02 -17.42 -28.86
C GLU C 775 16.79 -16.39 -29.73
N ASP C 776 16.20 -15.22 -30.01
CA ASP C 776 16.84 -14.16 -30.81
C ASP C 776 17.86 -13.32 -30.01
N LEU C 777 17.92 -13.50 -28.68
CA LEU C 777 18.77 -12.69 -27.80
C LEU C 777 20.16 -13.31 -27.45
N LYS C 778 20.63 -14.31 -28.23
CA LYS C 778 21.96 -14.95 -28.09
C LYS C 778 22.63 -15.06 -29.47
N TYR C 779 23.95 -15.47 -29.51
CA TYR C 779 24.65 -15.68 -30.79
C TYR C 779 24.46 -17.13 -31.23
MG MG D . 18.61 6.06 7.41
MG MG E . -5.19 1.14 16.58
O1 MES F . -5.55 -7.75 23.73
C2 MES F . -6.84 -7.17 23.48
C3 MES F . -6.75 -6.13 22.38
N4 MES F . -5.80 -5.05 22.79
C5 MES F . -4.46 -5.65 23.08
C6 MES F . -4.58 -6.74 24.12
C7 MES F . -5.76 -3.97 21.75
C8 MES F . -7.00 -3.08 21.74
S MES F . -7.10 -2.04 20.31
O1S MES F . -5.86 -1.26 20.28
O2S MES F . -7.20 -2.92 19.16
O3S MES F . -8.27 -1.20 20.48
#